data_1NEX
#
_entry.id   1NEX
#
_cell.length_a   107.669
_cell.length_b   107.669
_cell.length_c   168.300
_cell.angle_alpha   90.00
_cell.angle_beta   90.00
_cell.angle_gamma   120.00
#
_symmetry.space_group_name_H-M   'P 32'
#
loop_
_entity.id
_entity.type
_entity.pdbx_description
1 polymer 'Centromere DNA-binding protein complex CBF3 subunit D'
2 polymer 'CDC4 protein'
3 polymer GLL(TPO)PPQSG
4 water water
#
loop_
_entity_poly.entity_id
_entity_poly.type
_entity_poly.pdbx_seq_one_letter_code
_entity_poly.pdbx_strand_id
1 'polypeptide(L)'
;GAH(MSE)VTSNVVLVSGEGERFTVDKKIAERSLLLKNYLND(MSE)GDDDDEDDDEIV(MSE)PVPNVRSSVLQKVIEW
AEHHRDSNFPDEDDDDSRKSAPVDSWDREFLKVDQE(MSE)LYEIILAANYLNIKPLLDAGCKVVAE(MSE)IRGRSPEE
IRRTFNIVNDFTPEEEAAIRRENEWAEDR
;
A,C
2 'polypeptide(L)'
;GAGTLIKDNLKRDLITSLPFEISLKIFNYLQFEDIINSLGVSQNWNKIIRKSTSLWKKLLISENFVSPKGFNSLNLKLSQ
KYPKLSQQDRLRLSFLENIFILKNWYNPKFVPQRTTLRGH(MSE)TSVITCLQFEDNYVITGADDK(MSE)IRVYDSINK
KFLLQLSGHDGGVWALKYAHGGILVSGSTDRTVRVWDIKKGCCTHVFEGHNSTVRCLDIVEYKNIKYIVTGSRDNTLHVW
KLPKESSVPDHGEEHDYPLVFHTPEENPYFVGVLRGH(MSE)ASVRTVSGHGNIVVSGSYDNTLIVWDVAQ(MSE)KCLY
ILSGHTDRIYSTIYDHERKRCISAS(MSE)DTTIRIWDLENGEL(MSE)YTLQGHTALVGLLRLSDKFLVSAAADGSIRG
WDANDYSRKFSYHHTNLSAITTFYVSDNILVSGSENQFNIYNLRSGKLVHANILKDADQIWSVNFKGKTLVAAVEKDGQS
FLEILDFS
;
B,D
3 'polypeptide(L)' GLL(TPO)PPQSG E,F
#
# COMPACT_ATOMS: atom_id res chain seq x y z
N SER A 7 43.84 6.18 -54.19
CA SER A 7 44.37 7.12 -53.15
C SER A 7 45.01 6.45 -51.92
N ASN A 8 46.14 7.01 -51.48
CA ASN A 8 46.82 6.45 -50.33
C ASN A 8 46.80 7.35 -49.09
N VAL A 9 47.11 6.71 -47.97
CA VAL A 9 47.18 7.34 -46.65
C VAL A 9 48.53 6.92 -46.06
N VAL A 10 49.05 7.70 -45.12
CA VAL A 10 50.33 7.36 -44.48
C VAL A 10 50.26 7.29 -42.98
N LEU A 11 50.56 6.11 -42.46
CA LEU A 11 50.57 5.87 -41.03
C LEU A 11 51.99 5.95 -40.49
N VAL A 12 52.19 6.72 -39.41
CA VAL A 12 53.53 6.82 -38.81
C VAL A 12 53.55 6.04 -37.50
N SER A 13 54.49 5.09 -37.41
CA SER A 13 54.65 4.28 -36.21
C SER A 13 55.25 5.15 -35.12
N GLY A 14 55.27 4.63 -33.90
CA GLY A 14 55.84 5.38 -32.79
C GLY A 14 57.36 5.51 -32.94
N GLU A 15 57.95 4.77 -33.87
CA GLU A 15 59.38 4.86 -34.06
C GLU A 15 59.71 5.81 -35.23
N GLY A 16 58.75 6.65 -35.60
CA GLY A 16 58.95 7.59 -36.69
C GLY A 16 58.80 7.10 -38.14
N GLU A 17 58.62 5.79 -38.33
CA GLU A 17 58.48 5.24 -39.69
C GLU A 17 57.12 5.47 -40.36
N ARG A 18 57.17 5.87 -41.63
CA ARG A 18 55.97 6.14 -42.41
C ARG A 18 55.56 4.88 -43.19
N PHE A 19 54.26 4.57 -43.17
CA PHE A 19 53.74 3.42 -43.90
C PHE A 19 52.64 3.91 -44.86
N THR A 20 52.79 3.62 -46.15
CA THR A 20 51.79 4.04 -47.11
C THR A 20 50.81 2.87 -47.30
N VAL A 21 49.53 3.18 -47.34
CA VAL A 21 48.56 2.13 -47.55
C VAL A 21 47.31 2.76 -48.17
N ASP A 22 46.57 1.92 -48.89
CA ASP A 22 45.36 2.37 -49.53
C ASP A 22 44.37 2.93 -48.51
N LYS A 23 43.94 4.17 -48.71
CA LYS A 23 43.00 4.85 -47.84
C LYS A 23 41.76 4.01 -47.58
N LYS A 24 41.23 3.40 -48.64
CA LYS A 24 40.05 2.58 -48.49
C LYS A 24 40.37 1.41 -47.56
N ILE A 25 41.49 0.73 -47.80
CA ILE A 25 41.84 -0.40 -46.95
C ILE A 25 42.17 0.03 -45.52
N ALA A 26 42.78 1.21 -45.41
CA ALA A 26 43.18 1.76 -44.12
C ALA A 26 41.97 2.06 -43.29
N GLU A 27 40.88 2.43 -43.97
CA GLU A 27 39.65 2.75 -43.27
C GLU A 27 39.16 1.59 -42.43
N ARG A 28 39.90 0.48 -42.40
CA ARG A 28 39.52 -0.66 -41.58
C ARG A 28 39.47 -0.15 -40.16
N SER A 29 40.43 0.73 -39.86
CA SER A 29 40.59 1.37 -38.56
C SER A 29 39.56 2.49 -38.39
N LEU A 30 38.56 2.25 -37.53
CA LEU A 30 37.54 3.26 -37.30
C LEU A 30 38.18 4.57 -36.88
N LEU A 31 39.34 4.47 -36.21
CA LEU A 31 40.07 5.65 -35.75
C LEU A 31 40.53 6.48 -36.95
N LEU A 32 40.98 5.80 -38.00
CA LEU A 32 41.42 6.42 -39.25
C LEU A 32 40.17 6.89 -39.96
N LYS A 33 39.17 6.01 -39.98
CA LYS A 33 37.91 6.30 -40.63
C LYS A 33 37.31 7.62 -40.13
N ASN A 34 37.20 7.78 -38.81
CA ASN A 34 36.62 9.00 -38.25
C ASN A 34 37.48 10.21 -38.41
N TYR A 35 38.79 9.97 -38.51
CA TYR A 35 39.78 11.04 -38.72
C TYR A 35 39.32 11.90 -39.88
N LEU A 36 38.44 11.33 -40.70
CA LEU A 36 37.86 12.00 -41.89
C LEU A 36 38.76 12.93 -42.65
N ILE A 50 45.96 13.32 -44.64
CA ILE A 50 46.62 12.27 -45.42
C ILE A 50 47.74 11.60 -44.62
N VAL A 51 48.15 12.21 -43.51
CA VAL A 51 49.18 11.59 -42.67
C VAL A 51 48.73 11.55 -41.23
N MSE A 52 48.44 10.34 -40.76
CA MSE A 52 48.01 10.20 -39.40
C MSE A 52 49.00 9.47 -38.53
O MSE A 52 49.61 8.48 -38.95
CB MSE A 52 46.68 9.47 -39.34
CG MSE A 52 46.23 9.26 -37.91
SE MSE A 52 44.60 8.28 -37.72
CE MSE A 52 45.37 6.50 -37.86
N PRO A 53 49.18 9.96 -37.30
CA PRO A 53 50.12 9.36 -36.33
C PRO A 53 49.51 8.15 -35.63
N VAL A 54 50.38 7.19 -35.29
CA VAL A 54 50.00 5.99 -34.56
C VAL A 54 51.00 6.01 -33.40
N PRO A 55 50.75 6.91 -32.42
CA PRO A 55 51.57 7.09 -31.22
C PRO A 55 51.78 5.81 -30.44
N ASN A 56 53.01 5.61 -30.01
CA ASN A 56 53.42 4.46 -29.20
C ASN A 56 53.09 3.05 -29.72
N VAL A 57 53.18 2.86 -31.04
CA VAL A 57 52.97 1.55 -31.62
C VAL A 57 54.25 1.26 -32.40
N ARG A 58 54.91 0.18 -32.02
CA ARG A 58 56.14 -0.24 -32.65
C ARG A 58 55.97 -0.41 -34.16
N SER A 59 56.98 -0.01 -34.92
CA SER A 59 56.89 -0.15 -36.36
C SER A 59 56.49 -1.59 -36.70
N SER A 60 57.26 -2.56 -36.23
CA SER A 60 57.00 -3.98 -36.49
C SER A 60 55.56 -4.42 -36.19
N VAL A 61 54.95 -3.75 -35.23
CA VAL A 61 53.58 -4.02 -34.81
C VAL A 61 52.62 -3.44 -35.85
N LEU A 62 52.79 -2.16 -36.15
CA LEU A 62 51.95 -1.46 -37.11
C LEU A 62 52.04 -2.13 -38.47
N GLN A 63 53.24 -2.52 -38.87
CA GLN A 63 53.43 -3.18 -40.15
C GLN A 63 52.56 -4.44 -40.13
N LYS A 64 52.63 -5.16 -39.02
CA LYS A 64 51.87 -6.39 -38.82
C LYS A 64 50.36 -6.13 -38.92
N VAL A 65 49.91 -4.98 -38.42
CA VAL A 65 48.49 -4.63 -38.47
C VAL A 65 48.03 -4.29 -39.89
N ILE A 66 48.88 -3.55 -40.61
CA ILE A 66 48.58 -3.18 -41.98
C ILE A 66 48.44 -4.47 -42.79
N GLU A 67 49.41 -5.36 -42.67
CA GLU A 67 49.37 -6.60 -43.42
C GLU A 67 48.05 -7.33 -43.26
N TRP A 68 47.52 -7.31 -42.05
CA TRP A 68 46.26 -7.97 -41.75
C TRP A 68 45.10 -7.22 -42.38
N ALA A 69 45.20 -5.90 -42.50
CA ALA A 69 44.13 -5.10 -43.08
C ALA A 69 44.05 -5.25 -44.61
N GLU A 70 45.21 -5.36 -45.26
CA GLU A 70 45.26 -5.49 -46.70
C GLU A 70 44.79 -6.89 -47.06
N HIS A 71 45.21 -7.86 -46.26
CA HIS A 71 44.82 -9.23 -46.53
C HIS A 71 43.32 -9.40 -46.36
N HIS A 72 42.70 -8.53 -45.56
CA HIS A 72 41.27 -8.62 -45.35
C HIS A 72 40.54 -7.46 -46.00
N ARG A 73 41.06 -7.00 -47.13
CA ARG A 73 40.45 -5.88 -47.83
C ARG A 73 39.02 -6.16 -48.30
N ASP A 74 38.71 -7.40 -48.65
CA ASP A 74 37.37 -7.72 -49.12
C ASP A 74 36.62 -8.65 -48.22
N SER A 75 36.96 -8.62 -46.94
CA SER A 75 36.29 -9.47 -45.98
C SER A 75 35.16 -8.74 -45.29
N ASN A 76 34.19 -9.50 -44.81
CA ASN A 76 33.05 -8.95 -44.12
C ASN A 76 32.99 -9.59 -42.76
N PHE A 77 32.70 -8.79 -41.74
CA PHE A 77 32.61 -9.30 -40.39
C PHE A 77 31.30 -8.78 -39.80
N PRO A 78 30.64 -9.60 -38.97
CA PRO A 78 29.38 -9.19 -38.34
C PRO A 78 29.64 -8.12 -37.28
N VAL A 91 39.68 -18.03 -34.72
CA VAL A 91 38.93 -18.97 -35.56
C VAL A 91 39.52 -19.05 -36.98
N ASP A 92 39.68 -17.89 -37.64
CA ASP A 92 40.20 -17.85 -39.00
C ASP A 92 41.53 -18.58 -39.20
N SER A 93 41.58 -19.45 -40.20
CA SER A 93 42.77 -20.22 -40.54
C SER A 93 44.04 -19.39 -40.72
N TRP A 94 43.95 -18.35 -41.55
CA TRP A 94 45.09 -17.47 -41.86
C TRP A 94 45.49 -16.63 -40.63
N ASP A 95 44.49 -16.02 -39.99
CA ASP A 95 44.73 -15.21 -38.80
C ASP A 95 45.45 -16.05 -37.77
N ARG A 96 45.09 -17.32 -37.71
CA ARG A 96 45.70 -18.29 -36.82
C ARG A 96 47.22 -18.34 -36.99
N GLU A 97 47.65 -18.38 -38.24
CA GLU A 97 49.05 -18.43 -38.58
C GLU A 97 49.67 -17.06 -38.31
N PHE A 98 48.98 -16.02 -38.79
CA PHE A 98 49.39 -14.63 -38.66
C PHE A 98 49.70 -14.23 -37.23
N LEU A 99 48.89 -14.75 -36.30
CA LEU A 99 49.06 -14.45 -34.89
C LEU A 99 49.96 -15.47 -34.18
N LYS A 100 50.51 -16.42 -34.94
CA LYS A 100 51.37 -17.42 -34.34
C LYS A 100 52.72 -16.75 -33.98
N VAL A 101 52.64 -15.61 -33.27
CA VAL A 101 53.80 -14.83 -32.87
C VAL A 101 54.10 -14.95 -31.38
N ASP A 102 55.15 -14.27 -30.92
CA ASP A 102 55.49 -14.34 -29.50
C ASP A 102 54.52 -13.51 -28.65
N GLN A 103 54.43 -13.88 -27.37
CA GLN A 103 53.54 -13.24 -26.41
C GLN A 103 53.67 -11.73 -26.38
N GLU A 104 54.88 -11.20 -26.42
CA GLU A 104 55.04 -9.74 -26.41
C GLU A 104 54.30 -9.16 -27.61
N MSE A 105 54.64 -9.66 -28.80
CA MSE A 105 54.04 -9.24 -30.05
C MSE A 105 52.52 -9.28 -29.99
O MSE A 105 51.87 -8.26 -30.20
CB MSE A 105 54.53 -10.17 -31.18
CG MSE A 105 53.95 -9.93 -32.56
SE MSE A 105 54.72 -8.38 -33.42
CE MSE A 105 53.42 -7.09 -32.88
N LEU A 106 51.97 -10.44 -29.68
CA LEU A 106 50.53 -10.58 -29.62
C LEU A 106 49.91 -9.48 -28.78
N TYR A 107 50.54 -9.24 -27.64
CA TYR A 107 50.08 -8.22 -26.69
C TYR A 107 50.04 -6.82 -27.32
N GLU A 108 51.11 -6.46 -28.01
CA GLU A 108 51.15 -5.16 -28.63
C GLU A 108 50.15 -5.08 -29.80
N ILE A 109 50.00 -6.18 -30.56
CA ILE A 109 49.06 -6.17 -31.69
C ILE A 109 47.63 -5.94 -31.23
N ILE A 110 47.24 -6.59 -30.14
CA ILE A 110 45.91 -6.43 -29.54
C ILE A 110 45.72 -4.95 -29.11
N LEU A 111 46.76 -4.39 -28.49
CA LEU A 111 46.73 -3.00 -28.06
C LEU A 111 46.56 -2.07 -29.24
N ALA A 112 47.39 -2.29 -30.25
CA ALA A 112 47.33 -1.48 -31.46
C ALA A 112 45.93 -1.61 -32.03
N ALA A 113 45.49 -2.85 -32.25
CA ALA A 113 44.18 -3.11 -32.78
C ALA A 113 43.17 -2.29 -31.97
N ASN A 114 43.28 -2.38 -30.65
CA ASN A 114 42.37 -1.66 -29.77
C ASN A 114 42.44 -0.15 -29.97
N TYR A 115 43.64 0.38 -30.03
CA TYR A 115 43.81 1.81 -30.23
C TYR A 115 43.30 2.25 -31.62
N LEU A 116 43.64 1.49 -32.65
CA LEU A 116 43.24 1.79 -34.02
C LEU A 116 41.76 1.45 -34.26
N ASN A 117 41.10 0.88 -33.26
CA ASN A 117 39.69 0.48 -33.36
C ASN A 117 39.42 -0.43 -34.56
N ILE A 118 40.00 -1.62 -34.53
CA ILE A 118 39.87 -2.64 -35.57
C ILE A 118 39.36 -3.88 -34.87
N LYS A 119 38.07 -3.84 -34.55
CA LYS A 119 37.33 -4.88 -33.84
C LYS A 119 37.60 -6.30 -34.30
N PRO A 120 37.55 -6.55 -35.60
CA PRO A 120 37.82 -7.89 -36.08
C PRO A 120 39.18 -8.40 -35.60
N LEU A 121 40.21 -7.59 -35.82
CA LEU A 121 41.56 -7.97 -35.41
C LEU A 121 41.64 -8.22 -33.89
N LEU A 122 41.06 -7.31 -33.11
CA LEU A 122 41.05 -7.45 -31.65
C LEU A 122 40.47 -8.79 -31.22
N ASP A 123 39.31 -9.14 -31.79
CA ASP A 123 38.68 -10.39 -31.46
C ASP A 123 39.59 -11.53 -31.83
N ALA A 124 40.20 -11.45 -33.01
CA ALA A 124 41.09 -12.52 -33.41
C ALA A 124 42.14 -12.72 -32.33
N GLY A 125 42.79 -11.63 -31.95
CA GLY A 125 43.81 -11.68 -30.92
C GLY A 125 43.31 -12.22 -29.60
N CYS A 126 42.10 -11.84 -29.22
CA CYS A 126 41.55 -12.34 -27.97
C CYS A 126 41.23 -13.84 -28.05
N LYS A 127 40.70 -14.27 -29.19
CA LYS A 127 40.38 -15.67 -29.35
C LYS A 127 41.64 -16.54 -29.25
N VAL A 128 42.76 -16.02 -29.78
CA VAL A 128 44.01 -16.78 -29.75
C VAL A 128 44.55 -16.92 -28.34
N VAL A 129 44.41 -15.87 -27.54
CA VAL A 129 44.90 -15.92 -26.16
C VAL A 129 44.01 -16.88 -25.35
N ALA A 130 42.70 -16.86 -25.61
CA ALA A 130 41.81 -17.76 -24.89
C ALA A 130 42.17 -19.20 -25.29
N GLU A 131 42.58 -19.34 -26.55
CA GLU A 131 42.95 -20.65 -27.08
C GLU A 131 44.22 -21.19 -26.44
N MSE A 132 44.96 -20.32 -25.75
CA MSE A 132 46.18 -20.72 -25.07
C MSE A 132 45.81 -21.27 -23.69
O MSE A 132 46.55 -22.06 -23.11
CB MSE A 132 47.11 -19.52 -24.86
CG MSE A 132 47.52 -18.79 -26.14
SE MSE A 132 48.76 -17.26 -25.81
CE MSE A 132 50.25 -18.23 -25.05
N ILE A 133 44.65 -20.85 -23.19
CA ILE A 133 44.18 -21.27 -21.87
C ILE A 133 43.34 -22.53 -21.99
N ARG A 134 42.45 -22.53 -22.99
CA ARG A 134 41.54 -23.64 -23.28
C ARG A 134 42.07 -25.01 -22.92
N GLY A 135 41.31 -25.73 -22.10
CA GLY A 135 41.70 -27.07 -21.68
C GLY A 135 43.02 -27.20 -20.94
N ARG A 136 43.49 -26.11 -20.34
CA ARG A 136 44.74 -26.16 -19.58
C ARG A 136 44.48 -26.02 -18.06
N SER A 137 45.45 -26.47 -17.27
CA SER A 137 45.35 -26.42 -15.81
C SER A 137 46.02 -25.20 -15.21
N PRO A 138 45.68 -24.89 -13.94
CA PRO A 138 46.26 -23.74 -13.26
C PRO A 138 47.78 -23.73 -13.44
N GLU A 139 48.41 -24.87 -13.15
CA GLU A 139 49.85 -24.95 -13.29
C GLU A 139 50.30 -24.83 -14.74
N GLU A 140 49.56 -25.48 -15.65
CA GLU A 140 49.89 -25.42 -17.06
C GLU A 140 49.81 -23.98 -17.53
N ILE A 141 48.72 -23.31 -17.15
CA ILE A 141 48.50 -21.93 -17.54
C ILE A 141 49.59 -20.99 -16.99
N ARG A 142 49.99 -21.22 -15.73
CA ARG A 142 51.01 -20.39 -15.11
C ARG A 142 52.30 -20.44 -15.90
N ARG A 143 52.71 -21.65 -16.25
CA ARG A 143 53.95 -21.84 -17.00
C ARG A 143 53.85 -21.09 -18.34
N THR A 144 52.71 -21.24 -19.02
CA THR A 144 52.45 -20.62 -20.31
C THR A 144 52.76 -19.11 -20.35
N PHE A 145 52.44 -18.40 -19.26
CA PHE A 145 52.68 -16.97 -19.17
C PHE A 145 53.75 -16.65 -18.13
N ASN A 146 54.34 -17.69 -17.56
CA ASN A 146 55.35 -17.52 -16.54
C ASN A 146 54.76 -16.63 -15.45
N ILE A 147 53.59 -17.01 -14.97
CA ILE A 147 52.91 -16.29 -13.92
C ILE A 147 53.33 -16.94 -12.60
N VAL A 148 53.34 -16.17 -11.52
CA VAL A 148 53.71 -16.67 -10.19
C VAL A 148 52.52 -17.05 -9.30
N ASN A 149 52.59 -18.22 -8.68
CA ASN A 149 51.52 -18.68 -7.79
C ASN A 149 51.63 -18.01 -6.42
N ASP A 150 50.90 -16.90 -6.23
CA ASP A 150 50.96 -16.17 -4.96
C ASP A 150 49.89 -16.58 -3.95
N PHE A 151 49.35 -17.79 -4.11
CA PHE A 151 48.33 -18.32 -3.20
C PHE A 151 49.04 -18.98 -2.03
N THR A 152 48.70 -18.58 -0.80
CA THR A 152 49.33 -19.21 0.35
C THR A 152 48.82 -20.64 0.34
N PRO A 153 49.53 -21.52 1.02
CA PRO A 153 49.08 -22.92 1.07
C PRO A 153 47.58 -23.01 1.40
N GLU A 154 47.12 -22.23 2.38
CA GLU A 154 45.72 -22.23 2.77
C GLU A 154 44.81 -21.73 1.67
N GLU A 155 45.04 -20.52 1.17
CA GLU A 155 44.19 -20.00 0.10
C GLU A 155 44.11 -21.00 -1.04
N GLU A 156 45.20 -21.73 -1.28
CA GLU A 156 45.22 -22.73 -2.36
C GLU A 156 44.16 -23.81 -2.17
N ALA A 157 44.25 -24.52 -1.04
CA ALA A 157 43.30 -25.58 -0.74
C ALA A 157 41.85 -25.11 -0.87
N ALA A 158 41.56 -23.89 -0.41
CA ALA A 158 40.21 -23.34 -0.47
C ALA A 158 39.77 -22.94 -1.87
N ILE A 159 40.57 -23.32 -2.88
CA ILE A 159 40.22 -23.00 -4.26
C ILE A 159 40.05 -24.26 -5.13
N ARG A 160 39.22 -25.18 -4.63
CA ARG A 160 38.88 -26.45 -5.28
C ARG A 160 39.54 -27.67 -4.62
N LEU B 10 60.09 -13.50 -24.64
CA LEU B 10 59.75 -13.81 -23.23
C LEU B 10 58.24 -13.71 -22.98
N LYS B 11 57.74 -14.49 -22.03
CA LYS B 11 56.33 -14.55 -21.68
C LYS B 11 55.79 -13.19 -21.22
N ARG B 12 54.48 -13.14 -20.99
CA ARG B 12 53.80 -11.95 -20.49
C ARG B 12 52.39 -12.27 -19.99
N ASP B 13 52.08 -11.90 -18.75
CA ASP B 13 50.77 -12.17 -18.20
C ASP B 13 49.76 -11.25 -18.89
N LEU B 14 49.40 -11.62 -20.11
CA LEU B 14 48.47 -10.83 -20.92
C LEU B 14 47.23 -10.42 -20.13
N ILE B 15 46.68 -11.38 -19.41
CA ILE B 15 45.49 -11.16 -18.61
C ILE B 15 45.54 -10.01 -17.59
N THR B 16 46.67 -9.90 -16.91
CA THR B 16 46.86 -8.85 -15.92
C THR B 16 47.19 -7.52 -16.59
N SER B 17 48.00 -7.59 -17.64
CA SER B 17 48.45 -6.43 -18.37
C SER B 17 47.46 -5.77 -19.29
N LEU B 18 46.56 -6.55 -19.89
CA LEU B 18 45.56 -6.00 -20.79
C LEU B 18 44.55 -5.18 -20.00
N PRO B 19 43.79 -4.30 -20.68
CA PRO B 19 42.81 -3.52 -19.90
C PRO B 19 41.68 -4.45 -19.49
N PHE B 20 41.17 -4.25 -18.28
CA PHE B 20 40.10 -5.08 -17.76
C PHE B 20 39.12 -5.60 -18.83
N GLU B 21 38.53 -4.67 -19.58
CA GLU B 21 37.56 -4.98 -20.65
C GLU B 21 38.03 -6.05 -21.65
N ILE B 22 39.28 -5.91 -22.10
CA ILE B 22 39.85 -6.85 -23.06
C ILE B 22 40.03 -8.23 -22.48
N SER B 23 40.44 -8.31 -21.22
CA SER B 23 40.64 -9.62 -20.62
C SER B 23 39.33 -10.36 -20.53
N LEU B 24 38.27 -9.62 -20.21
CA LEU B 24 36.94 -10.20 -20.10
C LEU B 24 36.45 -10.75 -21.42
N LYS B 25 36.85 -10.15 -22.53
CA LYS B 25 36.41 -10.68 -23.81
C LYS B 25 37.09 -12.04 -23.94
N ILE B 26 38.34 -12.10 -23.47
CA ILE B 26 39.09 -13.34 -23.56
C ILE B 26 38.38 -14.47 -22.82
N PHE B 27 37.93 -14.18 -21.60
CA PHE B 27 37.22 -15.15 -20.78
C PHE B 27 35.89 -15.57 -21.34
N ASN B 28 35.25 -14.68 -22.08
CA ASN B 28 33.96 -14.99 -22.68
C ASN B 28 34.12 -15.94 -23.85
N TYR B 29 35.38 -16.23 -24.21
CA TYR B 29 35.67 -17.15 -25.29
C TYR B 29 36.10 -18.47 -24.72
N LEU B 30 35.93 -18.64 -23.41
CA LEU B 30 36.31 -19.88 -22.77
C LEU B 30 35.11 -20.60 -22.15
N GLN B 31 35.13 -21.93 -22.18
CA GLN B 31 34.04 -22.71 -21.58
C GLN B 31 34.20 -22.62 -20.08
N PHE B 32 33.08 -22.68 -19.38
CA PHE B 32 33.10 -22.55 -17.93
C PHE B 32 34.25 -23.30 -17.22
N GLU B 33 34.53 -24.53 -17.64
CA GLU B 33 35.61 -25.29 -17.00
C GLU B 33 36.92 -24.49 -16.97
N ASP B 34 37.27 -23.89 -18.11
CA ASP B 34 38.49 -23.11 -18.21
C ASP B 34 38.44 -21.89 -17.30
N ILE B 35 37.26 -21.34 -17.10
CA ILE B 35 37.11 -20.18 -16.24
C ILE B 35 37.36 -20.53 -14.77
N ILE B 36 36.94 -21.72 -14.35
CA ILE B 36 37.17 -22.16 -12.97
C ILE B 36 38.65 -22.39 -12.68
N ASN B 37 39.37 -22.97 -13.64
CA ASN B 37 40.80 -23.24 -13.48
C ASN B 37 41.52 -21.91 -13.41
N SER B 38 41.06 -20.96 -14.22
CA SER B 38 41.68 -19.65 -14.26
C SER B 38 41.55 -19.00 -12.89
N LEU B 39 40.41 -19.27 -12.25
CA LEU B 39 40.15 -18.73 -10.92
C LEU B 39 41.21 -19.15 -9.91
N GLY B 40 41.99 -20.18 -10.26
CA GLY B 40 43.03 -20.65 -9.37
C GLY B 40 44.44 -20.46 -9.91
N VAL B 41 44.55 -19.61 -10.93
CA VAL B 41 45.85 -19.35 -11.52
C VAL B 41 46.67 -18.38 -10.68
N SER B 42 46.02 -17.36 -10.13
CA SER B 42 46.71 -16.39 -9.29
C SER B 42 45.71 -15.48 -8.59
N GLN B 43 46.18 -14.73 -7.61
CA GLN B 43 45.32 -13.81 -6.87
C GLN B 43 44.67 -12.75 -7.75
N ASN B 44 45.42 -12.26 -8.72
CA ASN B 44 44.91 -11.22 -9.61
C ASN B 44 43.87 -11.79 -10.59
N TRP B 45 44.14 -12.97 -11.14
CA TRP B 45 43.19 -13.60 -12.07
C TRP B 45 41.88 -13.83 -11.31
N ASN B 46 42.00 -14.33 -10.09
CA ASN B 46 40.86 -14.61 -9.24
C ASN B 46 40.09 -13.33 -9.07
N LYS B 47 40.80 -12.26 -8.73
CA LYS B 47 40.14 -10.96 -8.54
C LYS B 47 39.51 -10.47 -9.86
N ILE B 48 40.25 -10.52 -10.95
CA ILE B 48 39.67 -10.05 -12.21
C ILE B 48 38.39 -10.77 -12.60
N ILE B 49 38.37 -12.09 -12.46
CA ILE B 49 37.20 -12.87 -12.84
C ILE B 49 36.00 -12.72 -11.92
N ARG B 50 36.26 -12.69 -10.62
CA ARG B 50 35.18 -12.56 -9.65
C ARG B 50 34.57 -11.16 -9.67
N LYS B 51 35.20 -10.28 -10.43
CA LYS B 51 34.76 -8.89 -10.53
C LYS B 51 33.67 -8.77 -11.58
N SER B 52 33.55 -9.79 -12.43
CA SER B 52 32.57 -9.77 -13.51
C SER B 52 31.19 -10.37 -13.23
N THR B 53 30.15 -9.69 -13.68
CA THR B 53 28.79 -10.19 -13.51
C THR B 53 28.34 -10.74 -14.85
N SER B 54 28.85 -10.13 -15.92
CA SER B 54 28.55 -10.52 -17.29
C SER B 54 29.00 -11.94 -17.53
N LEU B 55 30.23 -12.22 -17.13
CA LEU B 55 30.81 -13.54 -17.30
C LEU B 55 29.78 -14.62 -17.01
N TRP B 56 29.23 -14.60 -15.79
CA TRP B 56 28.26 -15.61 -15.40
C TRP B 56 26.85 -15.41 -15.94
N LYS B 57 26.41 -14.16 -16.05
CA LYS B 57 25.09 -13.91 -16.61
C LYS B 57 25.03 -14.59 -17.98
N LYS B 58 26.05 -14.34 -18.82
CA LYS B 58 26.09 -14.94 -20.13
C LYS B 58 25.95 -16.45 -20.03
N LEU B 59 26.86 -17.09 -19.30
CA LEU B 59 26.83 -18.55 -19.12
C LEU B 59 25.45 -19.07 -18.75
N LEU B 60 24.90 -18.56 -17.65
CA LEU B 60 23.56 -18.96 -17.20
C LEU B 60 22.56 -19.01 -18.35
N ILE B 61 22.60 -17.96 -19.18
CA ILE B 61 21.72 -17.84 -20.33
C ILE B 61 22.14 -18.82 -21.44
N SER B 62 23.43 -18.97 -21.66
CA SER B 62 23.93 -19.89 -22.67
C SER B 62 23.39 -21.28 -22.40
N GLU B 63 23.41 -21.68 -21.13
CA GLU B 63 22.96 -23.00 -20.72
C GLU B 63 21.46 -23.09 -20.47
N ASN B 64 20.78 -21.96 -20.64
CA ASN B 64 19.34 -21.88 -20.44
C ASN B 64 18.95 -22.17 -18.97
N PHE B 65 19.61 -21.53 -18.01
CA PHE B 65 19.22 -21.75 -16.63
C PHE B 65 18.34 -20.58 -16.21
N VAL B 66 18.38 -19.55 -17.04
CA VAL B 66 17.59 -18.33 -16.85
C VAL B 66 17.45 -17.62 -18.20
N SER B 67 16.48 -16.74 -18.32
CA SER B 67 16.29 -16.02 -19.58
C SER B 67 16.40 -14.57 -19.24
N PRO B 68 16.62 -13.72 -20.24
CA PRO B 68 16.73 -12.29 -19.94
C PRO B 68 15.59 -11.79 -19.01
N LYS B 69 14.36 -12.23 -19.27
CA LYS B 69 13.23 -11.80 -18.45
C LYS B 69 13.32 -12.31 -17.01
N GLY B 70 13.75 -13.56 -16.87
CA GLY B 70 13.85 -14.14 -15.55
C GLY B 70 15.10 -13.77 -14.78
N PHE B 71 16.02 -13.06 -15.43
CA PHE B 71 17.25 -12.71 -14.76
C PHE B 71 17.01 -12.06 -13.41
N ASN B 72 16.57 -10.81 -13.42
CA ASN B 72 16.33 -10.07 -12.19
C ASN B 72 15.72 -10.90 -11.07
N SER B 73 14.63 -11.60 -11.34
CA SER B 73 14.02 -12.41 -10.30
C SER B 73 15.03 -13.43 -9.77
N LEU B 74 15.84 -13.99 -10.67
CA LEU B 74 16.85 -14.97 -10.28
C LEU B 74 17.71 -14.32 -9.21
N ASN B 75 18.22 -13.12 -9.53
CA ASN B 75 19.07 -12.37 -8.62
C ASN B 75 18.45 -12.17 -7.24
N LEU B 76 17.22 -11.68 -7.22
CA LEU B 76 16.53 -11.45 -5.96
C LEU B 76 16.55 -12.76 -5.15
N LYS B 77 16.14 -13.86 -5.77
CA LYS B 77 16.12 -15.13 -5.07
C LYS B 77 17.49 -15.60 -4.56
N LEU B 78 18.54 -15.34 -5.34
CA LEU B 78 19.91 -15.74 -4.95
C LEU B 78 20.39 -14.89 -3.78
N SER B 79 19.98 -13.63 -3.77
CA SER B 79 20.34 -12.70 -2.72
C SER B 79 19.63 -13.06 -1.41
N GLN B 80 18.43 -13.60 -1.52
CA GLN B 80 17.69 -13.98 -0.34
C GLN B 80 18.34 -15.23 0.21
N LYS B 81 18.85 -16.04 -0.71
CA LYS B 81 19.51 -17.30 -0.38
C LYS B 81 20.92 -17.05 0.20
N TYR B 82 21.64 -16.10 -0.39
CA TYR B 82 23.00 -15.78 0.05
C TYR B 82 23.14 -14.28 0.34
N PRO B 83 22.75 -13.82 1.54
CA PRO B 83 22.86 -12.40 1.86
C PRO B 83 24.29 -11.85 1.80
N LYS B 84 25.21 -12.55 2.46
CA LYS B 84 26.59 -12.12 2.53
C LYS B 84 27.45 -12.32 1.28
N LEU B 85 26.84 -12.80 0.20
CA LEU B 85 27.55 -13.00 -1.05
C LEU B 85 27.32 -11.82 -1.98
N SER B 86 28.19 -11.69 -2.97
CA SER B 86 28.08 -10.61 -3.95
C SER B 86 27.40 -11.11 -5.21
N GLN B 87 26.89 -10.20 -6.01
CA GLN B 87 26.22 -10.60 -7.23
C GLN B 87 27.07 -11.52 -8.09
N GLN B 88 28.36 -11.20 -8.23
CA GLN B 88 29.25 -12.03 -9.04
C GLN B 88 29.31 -13.44 -8.49
N ASP B 89 29.86 -13.57 -7.30
CA ASP B 89 30.00 -14.88 -6.68
C ASP B 89 28.66 -15.60 -6.60
N ARG B 90 27.57 -14.84 -6.46
CA ARG B 90 26.25 -15.46 -6.39
C ARG B 90 25.96 -16.17 -7.70
N LEU B 91 26.01 -15.43 -8.79
CA LEU B 91 25.74 -16.01 -10.10
C LEU B 91 26.62 -17.24 -10.36
N ARG B 92 27.88 -17.19 -9.93
CA ARG B 92 28.77 -18.30 -10.16
C ARG B 92 28.34 -19.51 -9.34
N LEU B 93 27.87 -19.28 -8.13
CA LEU B 93 27.44 -20.40 -7.30
C LEU B 93 26.25 -21.07 -7.99
N SER B 94 25.32 -20.24 -8.46
CA SER B 94 24.13 -20.70 -9.16
C SER B 94 24.49 -21.51 -10.40
N PHE B 95 25.39 -21.00 -11.22
CA PHE B 95 25.77 -21.71 -12.41
C PHE B 95 26.41 -23.05 -12.07
N LEU B 96 27.43 -23.03 -11.24
CA LEU B 96 28.11 -24.28 -10.87
C LEU B 96 27.13 -25.31 -10.31
N GLU B 97 26.17 -24.85 -9.53
CA GLU B 97 25.16 -25.74 -8.96
C GLU B 97 24.24 -26.28 -10.07
N ASN B 98 23.89 -25.42 -11.03
CA ASN B 98 23.03 -25.81 -12.13
C ASN B 98 23.71 -26.73 -13.15
N ILE B 99 24.87 -26.32 -13.65
CA ILE B 99 25.54 -27.10 -14.66
C ILE B 99 25.83 -28.52 -14.22
N PHE B 100 25.90 -28.75 -12.91
CA PHE B 100 26.20 -30.10 -12.49
C PHE B 100 24.93 -30.95 -12.36
N ILE B 101 23.78 -30.32 -12.16
CA ILE B 101 22.55 -31.06 -12.10
C ILE B 101 22.20 -31.46 -13.54
N LEU B 102 22.44 -30.53 -14.47
CA LEU B 102 22.16 -30.78 -15.87
C LEU B 102 23.11 -31.89 -16.32
N LYS B 103 24.32 -31.91 -15.77
CA LYS B 103 25.30 -32.95 -16.14
C LYS B 103 24.76 -34.31 -15.75
N ASN B 104 24.16 -34.39 -14.57
CA ASN B 104 23.57 -35.62 -14.07
C ASN B 104 22.38 -36.04 -14.93
N TRP B 105 21.50 -35.10 -15.22
CA TRP B 105 20.33 -35.40 -16.04
C TRP B 105 20.73 -35.99 -17.39
N TYR B 106 21.73 -35.39 -18.02
CA TYR B 106 22.21 -35.79 -19.34
C TYR B 106 23.14 -37.01 -19.33
N ASN B 107 23.61 -37.41 -18.15
CA ASN B 107 24.52 -38.55 -18.06
C ASN B 107 23.78 -39.90 -18.08
N PRO B 108 23.98 -40.69 -19.14
CA PRO B 108 23.32 -42.00 -19.29
C PRO B 108 23.73 -42.95 -18.16
N LYS B 109 24.95 -42.76 -17.69
CA LYS B 109 25.51 -43.59 -16.64
C LYS B 109 25.17 -43.05 -15.25
N PHE B 110 24.32 -42.02 -15.18
CA PHE B 110 23.91 -41.50 -13.89
C PHE B 110 22.51 -42.01 -13.60
N VAL B 111 22.29 -42.41 -12.35
CA VAL B 111 20.98 -42.91 -11.96
C VAL B 111 20.43 -42.12 -10.80
N PRO B 112 19.24 -41.52 -10.96
CA PRO B 112 18.63 -40.74 -9.88
C PRO B 112 18.30 -41.59 -8.69
N GLN B 113 18.13 -40.94 -7.54
CA GLN B 113 17.73 -41.66 -6.33
C GLN B 113 16.21 -41.75 -6.39
N ARG B 114 15.65 -42.90 -6.05
CA ARG B 114 14.20 -43.06 -6.10
C ARG B 114 13.54 -43.15 -4.75
N THR B 115 12.43 -42.43 -4.60
CA THR B 115 11.63 -42.44 -3.38
C THR B 115 10.22 -42.71 -3.85
N THR B 116 9.56 -43.71 -3.27
CA THR B 116 8.19 -44.09 -3.63
C THR B 116 7.24 -43.98 -2.41
N LEU B 117 6.22 -43.13 -2.52
CA LEU B 117 5.25 -42.89 -1.45
C LEU B 117 3.84 -43.31 -1.87
N ARG B 118 2.98 -43.59 -0.91
CA ARG B 118 1.61 -44.00 -1.17
C ARG B 118 0.81 -42.87 -1.81
N GLY B 119 -0.09 -43.24 -2.72
CA GLY B 119 -0.92 -42.27 -3.40
C GLY B 119 -2.32 -42.18 -2.83
N HIS B 120 -3.32 -42.16 -3.72
CA HIS B 120 -4.72 -42.06 -3.29
C HIS B 120 -5.37 -43.45 -3.25
N MSE B 121 -6.61 -43.52 -2.75
CA MSE B 121 -7.31 -44.79 -2.65
C MSE B 121 -7.67 -45.33 -4.00
O MSE B 121 -7.93 -46.53 -4.15
CB MSE B 121 -8.56 -44.63 -1.81
CG MSE B 121 -8.32 -44.85 -0.33
SE MSE B 121 -9.62 -43.92 0.73
CE MSE B 121 -11.19 -45.02 0.36
N THR B 122 -7.68 -44.46 -5.00
CA THR B 122 -8.00 -44.87 -6.36
C THR B 122 -6.68 -44.89 -7.14
N SER B 123 -6.58 -45.81 -8.10
CA SER B 123 -5.36 -45.96 -8.88
C SER B 123 -5.07 -44.81 -9.84
N VAL B 124 -6.03 -43.93 -10.07
CA VAL B 124 -5.81 -42.81 -10.99
C VAL B 124 -5.68 -41.49 -10.28
N ILE B 125 -4.65 -40.74 -10.64
CA ILE B 125 -4.44 -39.41 -10.08
C ILE B 125 -4.98 -38.51 -11.19
N THR B 126 -5.74 -37.49 -10.79
CA THR B 126 -6.36 -36.58 -11.73
C THR B 126 -5.57 -35.30 -11.92
N CYS B 127 -4.77 -34.95 -10.95
CA CYS B 127 -4.03 -33.71 -11.06
C CYS B 127 -2.84 -33.65 -10.10
N LEU B 128 -1.86 -32.80 -10.43
CA LEU B 128 -0.65 -32.65 -9.62
C LEU B 128 0.05 -31.31 -9.73
N GLN B 129 0.32 -30.69 -8.58
CA GLN B 129 1.02 -29.41 -8.51
C GLN B 129 2.37 -29.65 -7.85
N PHE B 130 3.37 -28.87 -8.23
CA PHE B 130 4.71 -28.97 -7.65
C PHE B 130 5.34 -27.57 -7.51
N GLU B 131 5.27 -27.00 -6.30
CA GLU B 131 5.81 -25.65 -6.01
C GLU B 131 6.21 -25.58 -4.52
N ASP B 132 7.01 -24.58 -4.16
CA ASP B 132 7.47 -24.37 -2.77
C ASP B 132 7.83 -25.65 -1.97
N ASN B 133 8.45 -26.66 -2.59
CA ASN B 133 8.82 -27.89 -1.88
C ASN B 133 7.60 -28.74 -1.48
N TYR B 134 6.49 -28.45 -2.13
CA TYR B 134 5.23 -29.14 -1.91
C TYR B 134 4.84 -29.84 -3.20
N VAL B 135 4.40 -31.07 -3.07
CA VAL B 135 3.92 -31.84 -4.20
C VAL B 135 2.47 -32.10 -3.77
N ILE B 136 1.50 -31.51 -4.47
CA ILE B 136 0.10 -31.74 -4.11
C ILE B 136 -0.51 -32.56 -5.25
N THR B 137 -1.28 -33.59 -4.89
CA THR B 137 -1.91 -34.45 -5.88
C THR B 137 -3.39 -34.61 -5.55
N GLY B 138 -4.21 -34.82 -6.59
CA GLY B 138 -5.65 -35.00 -6.41
C GLY B 138 -6.15 -36.24 -7.13
N ALA B 139 -7.31 -36.76 -6.72
CA ALA B 139 -7.87 -37.96 -7.34
C ALA B 139 -9.39 -38.06 -7.25
N ASP B 140 -9.97 -39.04 -7.95
CA ASP B 140 -11.42 -39.22 -7.95
C ASP B 140 -11.89 -39.86 -6.65
N ASP B 141 -10.99 -39.90 -5.67
CA ASP B 141 -11.34 -40.46 -4.36
C ASP B 141 -11.66 -39.25 -3.49
N LYS B 142 -12.00 -38.15 -4.15
CA LYS B 142 -12.34 -36.88 -3.53
C LYS B 142 -11.40 -36.52 -2.40
N MSE B 143 -10.11 -36.69 -2.65
CA MSE B 143 -9.09 -36.39 -1.66
C MSE B 143 -7.93 -35.59 -2.28
O MSE B 143 -7.70 -35.66 -3.49
CB MSE B 143 -8.55 -37.69 -1.07
CG MSE B 143 -8.35 -37.61 0.42
SE MSE B 143 -10.05 -37.43 1.34
CE MSE B 143 -10.39 -39.29 1.59
N ILE B 144 -7.23 -34.84 -1.44
CA ILE B 144 -6.10 -34.02 -1.86
C ILE B 144 -4.89 -34.34 -0.97
N ARG B 145 -3.84 -34.90 -1.56
CA ARG B 145 -2.63 -35.26 -0.80
C ARG B 145 -1.47 -34.27 -0.97
N VAL B 146 -0.88 -33.86 0.13
CA VAL B 146 0.24 -32.91 0.11
C VAL B 146 1.51 -33.65 0.52
N TYR B 147 2.61 -33.43 -0.20
CA TYR B 147 3.85 -34.12 0.16
C TYR B 147 5.01 -33.14 0.33
N ASP B 148 6.09 -33.61 0.97
CA ASP B 148 7.28 -32.80 1.16
C ASP B 148 8.35 -33.26 0.17
N SER B 149 8.68 -32.40 -0.79
CA SER B 149 9.66 -32.72 -1.83
C SER B 149 11.11 -32.66 -1.40
N ILE B 150 11.36 -32.11 -0.21
CA ILE B 150 12.73 -31.99 0.30
C ILE B 150 13.13 -33.24 1.09
N ASN B 151 12.31 -33.58 2.08
CA ASN B 151 12.58 -34.76 2.90
C ASN B 151 11.95 -35.98 2.25
N LYS B 152 11.37 -35.78 1.06
CA LYS B 152 10.71 -36.85 0.31
C LYS B 152 9.75 -37.69 1.15
N LYS B 153 8.66 -37.08 1.61
CA LYS B 153 7.68 -37.83 2.38
C LYS B 153 6.32 -37.17 2.46
N PHE B 154 5.33 -37.96 2.84
CA PHE B 154 3.95 -37.54 2.96
C PHE B 154 3.75 -36.60 4.15
N LEU B 155 3.05 -35.49 3.91
CA LEU B 155 2.79 -34.54 4.96
C LEU B 155 1.40 -34.75 5.54
N LEU B 156 0.37 -34.36 4.78
CA LEU B 156 -0.99 -34.52 5.26
C LEU B 156 -1.94 -34.66 4.10
N GLN B 157 -3.20 -34.93 4.44
CA GLN B 157 -4.26 -35.09 3.44
C GLN B 157 -5.34 -34.05 3.74
N LEU B 158 -6.01 -33.56 2.70
CA LEU B 158 -7.08 -32.59 2.86
C LEU B 158 -8.37 -33.25 2.36
N SER B 159 -9.39 -33.24 3.21
CA SER B 159 -10.68 -33.83 2.86
C SER B 159 -11.77 -32.77 2.93
N GLY B 160 -12.81 -32.93 2.11
CA GLY B 160 -13.89 -31.97 2.07
C GLY B 160 -14.81 -32.19 0.88
N HIS B 161 -14.28 -32.11 -0.33
CA HIS B 161 -15.08 -32.31 -1.54
C HIS B 161 -15.99 -33.53 -1.42
N ASP B 162 -17.22 -33.40 -1.91
CA ASP B 162 -18.16 -34.50 -1.84
C ASP B 162 -18.04 -35.32 -3.12
N GLY B 163 -17.13 -34.90 -4.00
CA GLY B 163 -16.91 -35.62 -5.24
C GLY B 163 -15.43 -35.66 -5.62
N GLY B 164 -15.05 -36.54 -6.54
CA GLY B 164 -13.65 -36.64 -6.96
C GLY B 164 -13.07 -35.29 -7.37
N VAL B 165 -11.84 -35.00 -6.97
CA VAL B 165 -11.20 -33.74 -7.35
C VAL B 165 -10.64 -33.89 -8.76
N TRP B 166 -10.74 -32.84 -9.57
CA TRP B 166 -10.22 -32.94 -10.94
C TRP B 166 -9.36 -31.78 -11.41
N ALA B 167 -9.29 -30.72 -10.62
CA ALA B 167 -8.47 -29.57 -10.98
C ALA B 167 -8.00 -28.89 -9.71
N LEU B 168 -6.70 -28.59 -9.65
CA LEU B 168 -6.12 -27.92 -8.48
C LEU B 168 -4.91 -27.12 -8.90
N LYS B 169 -4.86 -25.89 -8.42
CA LYS B 169 -3.79 -24.96 -8.74
C LYS B 169 -3.28 -24.41 -7.42
N TYR B 170 -1.97 -24.33 -7.25
CA TYR B 170 -1.40 -23.82 -6.02
C TYR B 170 -1.17 -22.32 -6.14
N ALA B 171 -1.16 -21.64 -4.99
CA ALA B 171 -0.95 -20.19 -4.94
C ALA B 171 0.03 -19.86 -3.80
N HIS B 172 1.03 -19.07 -4.11
CA HIS B 172 2.04 -18.72 -3.11
C HIS B 172 1.51 -18.59 -1.68
N GLY B 173 2.27 -19.14 -0.74
CA GLY B 173 1.92 -19.08 0.67
C GLY B 173 1.35 -20.35 1.27
N GLY B 174 1.29 -21.41 0.48
CA GLY B 174 0.74 -22.66 0.99
C GLY B 174 -0.76 -22.71 0.77
N ILE B 175 -1.26 -21.77 -0.02
CA ILE B 175 -2.66 -21.74 -0.32
C ILE B 175 -2.87 -22.40 -1.66
N LEU B 176 -3.95 -23.16 -1.79
CA LEU B 176 -4.21 -23.82 -3.04
C LEU B 176 -5.72 -23.86 -3.25
N VAL B 177 -6.14 -23.85 -4.50
CA VAL B 177 -7.55 -23.88 -4.85
C VAL B 177 -7.85 -25.18 -5.57
N SER B 178 -9.07 -25.69 -5.42
CA SER B 178 -9.47 -26.92 -6.10
C SER B 178 -10.84 -26.80 -6.76
N GLY B 179 -11.17 -27.78 -7.59
CA GLY B 179 -12.45 -27.81 -8.27
C GLY B 179 -12.79 -29.28 -8.45
N SER B 180 -14.04 -29.68 -8.23
CA SER B 180 -14.38 -31.09 -8.41
C SER B 180 -15.79 -31.33 -8.97
N THR B 181 -16.09 -32.60 -9.20
CA THR B 181 -17.38 -33.05 -9.72
C THR B 181 -18.45 -32.70 -8.69
N ASP B 182 -17.97 -32.33 -7.52
CA ASP B 182 -18.78 -31.91 -6.39
C ASP B 182 -19.32 -30.51 -6.69
N ARG B 183 -18.96 -30.02 -7.87
CA ARG B 183 -19.39 -28.71 -8.35
C ARG B 183 -19.00 -27.53 -7.47
N THR B 184 -18.02 -27.72 -6.59
CA THR B 184 -17.60 -26.61 -5.75
C THR B 184 -16.16 -26.20 -6.02
N VAL B 185 -15.83 -24.97 -5.64
CA VAL B 185 -14.48 -24.46 -5.79
C VAL B 185 -13.99 -24.19 -4.38
N ARG B 186 -13.00 -24.96 -3.94
CA ARG B 186 -12.49 -24.76 -2.59
C ARG B 186 -11.05 -24.29 -2.49
N VAL B 187 -10.81 -23.45 -1.49
CA VAL B 187 -9.52 -22.87 -1.20
C VAL B 187 -9.03 -23.49 0.10
N TRP B 188 -7.81 -24.01 0.10
CA TRP B 188 -7.25 -24.65 1.29
C TRP B 188 -6.00 -23.94 1.82
N ASP B 189 -5.61 -24.32 3.04
CA ASP B 189 -4.43 -23.76 3.65
C ASP B 189 -3.58 -24.93 4.15
N ILE B 190 -2.50 -25.24 3.43
CA ILE B 190 -1.63 -26.34 3.82
C ILE B 190 -1.18 -26.17 5.25
N LYS B 191 -0.68 -24.97 5.56
CA LYS B 191 -0.21 -24.66 6.91
C LYS B 191 -1.19 -25.17 7.96
N LYS B 192 -2.44 -24.68 7.89
CA LYS B 192 -3.50 -25.06 8.83
C LYS B 192 -4.06 -26.44 8.50
N GLY B 193 -3.86 -26.89 7.26
CA GLY B 193 -4.35 -28.19 6.85
C GLY B 193 -5.86 -28.33 6.79
N CYS B 194 -6.55 -27.26 6.37
CA CYS B 194 -8.01 -27.28 6.30
C CYS B 194 -8.54 -26.50 5.10
N CYS B 195 -9.84 -26.65 4.85
CA CYS B 195 -10.52 -25.94 3.76
C CYS B 195 -11.06 -24.65 4.35
N THR B 196 -10.44 -23.52 3.99
CA THR B 196 -10.83 -22.20 4.52
C THR B 196 -11.97 -21.48 3.78
N HIS B 197 -12.39 -22.03 2.64
CA HIS B 197 -13.46 -21.42 1.86
C HIS B 197 -14.14 -22.46 0.96
N VAL B 198 -15.44 -22.33 0.76
CA VAL B 198 -16.21 -23.25 -0.10
C VAL B 198 -17.15 -22.49 -1.05
N PHE B 199 -16.63 -22.17 -2.23
CA PHE B 199 -17.37 -21.40 -3.23
C PHE B 199 -18.30 -22.20 -4.15
N GLU B 200 -19.60 -22.05 -3.94
CA GLU B 200 -20.59 -22.73 -4.77
C GLU B 200 -21.09 -21.79 -5.86
N GLY B 201 -21.68 -22.36 -6.90
CA GLY B 201 -22.18 -21.58 -8.02
C GLY B 201 -22.32 -22.44 -9.25
N HIS B 202 -21.20 -22.95 -9.75
CA HIS B 202 -21.24 -23.79 -10.95
C HIS B 202 -22.38 -24.82 -10.85
N ASN B 203 -23.18 -24.90 -11.91
CA ASN B 203 -24.30 -25.84 -11.94
C ASN B 203 -23.87 -27.19 -12.52
N SER B 204 -22.57 -27.41 -12.54
CA SER B 204 -21.99 -28.66 -13.04
C SER B 204 -20.52 -28.75 -12.62
N THR B 205 -19.92 -29.90 -12.89
CA THR B 205 -18.51 -30.17 -12.54
C THR B 205 -17.51 -29.08 -12.92
N VAL B 206 -16.59 -28.78 -12.01
CA VAL B 206 -15.55 -27.80 -12.27
C VAL B 206 -14.50 -28.62 -13.02
N ARG B 207 -14.28 -28.27 -14.29
CA ARG B 207 -13.35 -29.01 -15.13
C ARG B 207 -11.92 -28.47 -15.17
N CYS B 208 -11.76 -27.17 -15.00
CA CYS B 208 -10.44 -26.59 -15.04
C CYS B 208 -10.42 -25.30 -14.24
N LEU B 209 -9.24 -24.74 -14.02
CA LEU B 209 -9.13 -23.52 -13.26
C LEU B 209 -7.74 -22.95 -13.36
N ASP B 210 -7.61 -21.67 -13.08
CA ASP B 210 -6.31 -21.03 -13.12
C ASP B 210 -6.43 -19.84 -12.17
N ILE B 211 -5.30 -19.27 -11.79
CA ILE B 211 -5.26 -18.12 -10.90
C ILE B 211 -4.38 -17.09 -11.61
N VAL B 212 -4.89 -15.86 -11.76
CA VAL B 212 -4.16 -14.77 -12.42
C VAL B 212 -4.04 -13.60 -11.46
N GLU B 213 -3.05 -12.73 -11.66
CA GLU B 213 -2.89 -11.56 -10.80
C GLU B 213 -2.90 -10.26 -11.62
N TYR B 214 -3.71 -9.31 -11.18
CA TYR B 214 -3.85 -8.02 -11.86
C TYR B 214 -3.91 -6.88 -10.84
N LYS B 215 -2.98 -5.94 -10.94
CA LYS B 215 -2.96 -4.81 -10.01
C LYS B 215 -2.96 -5.36 -8.58
N ASN B 216 -1.92 -6.13 -8.26
CA ASN B 216 -1.73 -6.73 -6.95
C ASN B 216 -2.96 -7.41 -6.35
N ILE B 217 -3.89 -7.82 -7.20
CA ILE B 217 -5.09 -8.51 -6.76
C ILE B 217 -5.10 -9.87 -7.45
N LYS B 218 -5.28 -10.93 -6.69
CA LYS B 218 -5.31 -12.25 -7.30
C LYS B 218 -6.75 -12.73 -7.51
N TYR B 219 -7.00 -13.32 -8.68
CA TYR B 219 -8.33 -13.82 -9.06
C TYR B 219 -8.30 -15.31 -9.45
N ILE B 220 -9.38 -16.02 -9.13
CA ILE B 220 -9.50 -17.44 -9.47
C ILE B 220 -10.47 -17.57 -10.64
N VAL B 221 -10.08 -18.31 -11.67
CA VAL B 221 -10.96 -18.51 -12.83
C VAL B 221 -11.24 -19.99 -13.04
N THR B 222 -12.49 -20.40 -12.82
CA THR B 222 -12.90 -21.81 -12.97
C THR B 222 -13.85 -22.08 -14.16
N GLY B 223 -13.46 -23.02 -15.02
CA GLY B 223 -14.30 -23.37 -16.15
C GLY B 223 -15.15 -24.56 -15.74
N SER B 224 -16.35 -24.69 -16.27
CA SER B 224 -17.18 -25.82 -15.87
C SER B 224 -17.90 -26.46 -17.03
N ARG B 225 -18.53 -27.60 -16.75
CA ARG B 225 -19.29 -28.34 -17.74
C ARG B 225 -20.66 -27.69 -17.90
N ASP B 226 -20.86 -26.58 -17.20
CA ASP B 226 -22.11 -25.87 -17.29
C ASP B 226 -21.99 -24.84 -18.42
N ASN B 227 -20.82 -24.86 -19.10
CA ASN B 227 -20.49 -23.98 -20.23
C ASN B 227 -19.97 -22.59 -19.86
N THR B 228 -19.85 -22.30 -18.57
CA THR B 228 -19.41 -20.99 -18.12
C THR B 228 -18.08 -20.99 -17.36
N LEU B 229 -17.61 -19.79 -17.04
CA LEU B 229 -16.39 -19.60 -16.27
C LEU B 229 -16.69 -18.58 -15.19
N HIS B 230 -16.79 -19.04 -13.95
CA HIS B 230 -17.03 -18.15 -12.83
C HIS B 230 -15.71 -17.54 -12.41
N VAL B 231 -15.72 -16.27 -11.98
CA VAL B 231 -14.49 -15.62 -11.52
C VAL B 231 -14.67 -15.21 -10.07
N TRP B 232 -13.70 -15.59 -9.23
CA TRP B 232 -13.73 -15.29 -7.81
C TRP B 232 -12.39 -14.67 -7.43
N LYS B 233 -12.36 -13.88 -6.36
CA LYS B 233 -11.10 -13.28 -5.92
C LYS B 233 -10.54 -14.18 -4.83
N LEU B 234 -9.24 -14.42 -4.88
CA LEU B 234 -8.59 -15.29 -3.92
C LEU B 234 -8.51 -14.65 -2.54
N PRO B 235 -9.23 -15.22 -1.57
CA PRO B 235 -9.23 -14.70 -0.19
C PRO B 235 -7.85 -14.36 0.39
N LYS B 236 -7.83 -13.30 1.18
CA LYS B 236 -6.61 -12.81 1.84
C LYS B 236 -5.91 -13.95 2.57
N ASP B 248 -14.15 -23.14 12.66
CA ASP B 248 -15.04 -22.16 12.04
C ASP B 248 -14.62 -21.90 10.60
N TYR B 249 -13.34 -22.13 10.30
CA TYR B 249 -12.77 -21.88 8.98
C TYR B 249 -13.53 -22.37 7.76
N PRO B 250 -14.22 -23.52 7.85
CA PRO B 250 -14.94 -23.94 6.64
C PRO B 250 -16.07 -22.95 6.29
N LEU B 251 -15.69 -21.80 5.74
CA LEU B 251 -16.65 -20.76 5.36
C LEU B 251 -17.33 -21.07 4.04
N VAL B 252 -18.58 -21.55 4.10
CA VAL B 252 -19.33 -21.89 2.91
C VAL B 252 -20.17 -20.72 2.40
N PHE B 253 -20.32 -20.61 1.09
CA PHE B 253 -21.11 -19.53 0.48
C PHE B 253 -22.05 -20.20 -0.51
N HIS B 254 -23.26 -20.53 -0.05
CA HIS B 254 -24.23 -21.19 -0.90
C HIS B 254 -24.67 -20.31 -2.04
N THR B 255 -24.60 -19.00 -1.86
CA THR B 255 -25.02 -18.08 -2.90
C THR B 255 -23.94 -17.12 -3.36
N PRO B 256 -23.74 -17.03 -4.68
CA PRO B 256 -22.75 -16.16 -5.33
C PRO B 256 -23.00 -14.69 -5.04
N GLU B 257 -24.27 -14.29 -5.10
CA GLU B 257 -24.66 -12.91 -4.84
C GLU B 257 -24.22 -12.41 -3.47
N GLU B 258 -24.29 -13.29 -2.48
CA GLU B 258 -23.89 -12.97 -1.12
C GLU B 258 -22.44 -13.23 -0.81
N ASN B 259 -21.77 -13.95 -1.72
CA ASN B 259 -20.36 -14.29 -1.58
C ASN B 259 -19.47 -13.10 -1.95
N PRO B 260 -18.86 -12.45 -0.94
CA PRO B 260 -17.99 -11.29 -1.17
C PRO B 260 -16.93 -11.54 -2.22
N TYR B 261 -16.42 -12.77 -2.26
CA TYR B 261 -15.37 -13.14 -3.18
C TYR B 261 -15.80 -13.37 -4.63
N PHE B 262 -17.10 -13.57 -4.84
CA PHE B 262 -17.62 -13.79 -6.18
C PHE B 262 -17.44 -12.52 -7.00
N VAL B 263 -17.22 -12.67 -8.30
CA VAL B 263 -17.05 -11.51 -9.20
C VAL B 263 -18.08 -11.56 -10.32
N GLY B 264 -18.22 -12.74 -10.94
CA GLY B 264 -19.18 -12.88 -12.02
C GLY B 264 -18.98 -14.13 -12.87
N VAL B 265 -19.84 -14.33 -13.86
CA VAL B 265 -19.73 -15.50 -14.72
C VAL B 265 -19.48 -15.10 -16.17
N LEU B 266 -18.51 -15.74 -16.81
CA LEU B 266 -18.23 -15.42 -18.22
C LEU B 266 -19.03 -16.41 -19.08
N ARG B 267 -20.13 -15.96 -19.67
CA ARG B 267 -20.96 -16.83 -20.52
C ARG B 267 -20.63 -16.59 -21.99
N GLY B 268 -20.57 -17.68 -22.74
CA GLY B 268 -20.26 -17.57 -24.15
C GLY B 268 -20.12 -18.95 -24.79
N HIS B 269 -19.53 -19.90 -24.08
CA HIS B 269 -19.38 -21.23 -24.65
C HIS B 269 -20.69 -21.99 -24.63
N MSE B 270 -20.87 -22.87 -25.62
CA MSE B 270 -22.09 -23.65 -25.74
C MSE B 270 -21.88 -25.06 -25.28
O MSE B 270 -22.76 -25.90 -25.43
CB MSE B 270 -22.54 -23.66 -27.21
CG MSE B 270 -22.91 -22.29 -27.76
SE MSE B 270 -24.48 -21.50 -26.92
CE MSE B 270 -25.81 -22.30 -28.09
N ALA B 271 -20.70 -25.32 -24.72
CA ALA B 271 -20.37 -26.65 -24.22
C ALA B 271 -19.32 -26.50 -23.13
N SER B 272 -18.98 -27.62 -22.51
CA SER B 272 -18.00 -27.65 -21.42
C SER B 272 -16.71 -26.88 -21.69
N VAL B 273 -16.31 -26.10 -20.71
CA VAL B 273 -15.08 -25.33 -20.77
C VAL B 273 -13.98 -26.32 -20.34
N ARG B 274 -13.28 -26.89 -21.33
CA ARG B 274 -12.25 -27.91 -21.10
C ARG B 274 -10.88 -27.44 -20.63
N THR B 275 -10.47 -26.25 -21.05
CA THR B 275 -9.16 -25.75 -20.65
C THR B 275 -9.21 -24.25 -20.38
N VAL B 276 -8.23 -23.76 -19.62
CA VAL B 276 -8.13 -22.35 -19.25
C VAL B 276 -6.70 -21.89 -19.04
N SER B 277 -6.34 -20.77 -19.65
CA SER B 277 -5.01 -20.21 -19.50
C SER B 277 -5.12 -18.71 -19.30
N GLY B 278 -4.43 -18.18 -18.30
CA GLY B 278 -4.49 -16.75 -18.09
C GLY B 278 -3.23 -16.13 -17.51
N HIS B 279 -3.22 -14.81 -17.48
CA HIS B 279 -2.10 -14.01 -16.94
C HIS B 279 -2.61 -12.57 -16.87
N GLY B 280 -2.45 -11.93 -15.73
CA GLY B 280 -2.95 -10.57 -15.61
C GLY B 280 -4.46 -10.59 -15.80
N ASN B 281 -5.00 -9.54 -16.43
CA ASN B 281 -6.45 -9.39 -16.67
C ASN B 281 -6.94 -10.08 -17.94
N ILE B 282 -6.10 -10.93 -18.52
CA ILE B 282 -6.49 -11.65 -19.72
C ILE B 282 -6.47 -13.15 -19.45
N VAL B 283 -7.59 -13.80 -19.76
CA VAL B 283 -7.73 -15.24 -19.61
C VAL B 283 -8.29 -15.76 -20.93
N VAL B 284 -7.89 -16.97 -21.31
CA VAL B 284 -8.35 -17.58 -22.55
C VAL B 284 -8.95 -18.92 -22.18
N SER B 285 -10.11 -19.24 -22.73
CA SER B 285 -10.73 -20.52 -22.42
C SER B 285 -11.01 -21.34 -23.68
N GLY B 286 -10.91 -22.66 -23.52
CA GLY B 286 -11.16 -23.56 -24.63
C GLY B 286 -12.35 -24.42 -24.28
N SER B 287 -13.25 -24.60 -25.23
CA SER B 287 -14.44 -25.38 -24.97
C SER B 287 -14.55 -26.53 -25.93
N TYR B 288 -15.59 -27.32 -25.71
CA TYR B 288 -15.89 -28.46 -26.54
C TYR B 288 -16.75 -28.00 -27.73
N ASP B 289 -17.23 -26.76 -27.68
CA ASP B 289 -18.02 -26.27 -28.79
C ASP B 289 -17.07 -25.98 -29.94
N ASN B 290 -15.81 -26.41 -29.78
CA ASN B 290 -14.77 -26.23 -30.80
C ASN B 290 -14.28 -24.79 -30.90
N THR B 291 -14.54 -24.01 -29.87
CA THR B 291 -14.16 -22.60 -29.89
C THR B 291 -13.30 -22.19 -28.70
N LEU B 292 -12.73 -21.00 -28.79
CA LEU B 292 -11.92 -20.45 -27.70
C LEU B 292 -12.35 -19.00 -27.53
N ILE B 293 -12.32 -18.50 -26.30
CA ILE B 293 -12.72 -17.11 -26.08
C ILE B 293 -11.68 -16.37 -25.23
N VAL B 294 -11.31 -15.17 -25.67
CA VAL B 294 -10.36 -14.36 -24.90
C VAL B 294 -11.13 -13.36 -24.05
N TRP B 295 -11.11 -13.53 -22.73
CA TRP B 295 -11.81 -12.63 -21.82
C TRP B 295 -10.91 -11.60 -21.14
N ASP B 296 -11.46 -10.43 -20.85
CA ASP B 296 -10.74 -9.34 -20.16
C ASP B 296 -11.35 -9.37 -18.76
N VAL B 297 -10.88 -10.28 -17.89
CA VAL B 297 -11.43 -10.40 -16.54
C VAL B 297 -11.70 -9.07 -15.86
N ALA B 298 -10.81 -8.11 -16.04
CA ALA B 298 -10.98 -6.79 -15.44
C ALA B 298 -12.31 -6.18 -15.86
N GLN B 299 -12.58 -6.11 -17.17
CA GLN B 299 -13.83 -5.55 -17.68
C GLN B 299 -14.90 -6.64 -17.74
N MSE B 300 -14.53 -7.84 -17.32
CA MSE B 300 -15.44 -8.97 -17.34
C MSE B 300 -16.20 -9.09 -18.66
O MSE B 300 -17.39 -9.41 -18.66
CB MSE B 300 -16.43 -8.86 -16.19
CG MSE B 300 -16.76 -10.20 -15.57
SE MSE B 300 -15.24 -11.02 -14.67
CE MSE B 300 -16.24 -12.50 -13.91
N LYS B 301 -15.53 -8.85 -19.78
CA LYS B 301 -16.18 -8.95 -21.09
C LYS B 301 -15.43 -9.83 -22.09
N CYS B 302 -16.15 -10.33 -23.10
CA CYS B 302 -15.57 -11.15 -24.15
C CYS B 302 -14.76 -10.24 -25.08
N LEU B 303 -13.51 -10.63 -25.36
CA LEU B 303 -12.64 -9.85 -26.24
C LEU B 303 -12.62 -10.42 -27.65
N TYR B 304 -12.34 -11.70 -27.79
CA TYR B 304 -12.34 -12.28 -29.12
C TYR B 304 -12.89 -13.69 -29.06
N ILE B 305 -13.41 -14.15 -30.19
CA ILE B 305 -13.91 -15.51 -30.30
C ILE B 305 -13.12 -16.15 -31.41
N LEU B 306 -12.23 -17.05 -31.04
CA LEU B 306 -11.39 -17.74 -32.00
C LEU B 306 -12.11 -18.96 -32.57
N SER B 307 -12.47 -18.90 -33.84
CA SER B 307 -13.17 -20.02 -34.50
C SER B 307 -12.36 -20.55 -35.68
N GLY B 308 -12.47 -21.85 -35.95
CA GLY B 308 -11.72 -22.44 -37.04
C GLY B 308 -11.53 -23.93 -36.83
N HIS B 309 -11.18 -24.33 -35.62
CA HIS B 309 -11.01 -25.75 -35.33
C HIS B 309 -12.34 -26.43 -35.66
N THR B 310 -12.29 -27.67 -36.15
CA THR B 310 -13.54 -28.33 -36.48
C THR B 310 -13.93 -29.38 -35.47
N ASP B 311 -13.36 -29.27 -34.27
CA ASP B 311 -13.67 -30.21 -33.20
C ASP B 311 -13.24 -29.59 -31.88
N ARG B 312 -13.64 -30.23 -30.79
CA ARG B 312 -13.34 -29.76 -29.44
C ARG B 312 -11.87 -29.44 -29.11
N ILE B 313 -11.67 -28.38 -28.32
CA ILE B 313 -10.34 -27.98 -27.87
C ILE B 313 -10.06 -28.67 -26.54
N TYR B 314 -8.88 -29.26 -26.40
CA TYR B 314 -8.50 -29.93 -25.16
C TYR B 314 -7.38 -29.21 -24.41
N SER B 315 -6.90 -28.11 -24.97
CA SER B 315 -5.80 -27.37 -24.37
C SER B 315 -5.49 -26.09 -25.10
N THR B 316 -5.20 -25.04 -24.33
CA THR B 316 -4.84 -23.75 -24.88
C THR B 316 -3.81 -23.09 -23.98
N ILE B 317 -2.99 -22.21 -24.54
CA ILE B 317 -2.01 -21.50 -23.74
C ILE B 317 -2.03 -20.04 -24.12
N TYR B 318 -1.97 -19.18 -23.12
CA TYR B 318 -1.94 -17.75 -23.36
C TYR B 318 -0.51 -17.29 -23.26
N ASP B 319 0.06 -17.03 -24.42
CA ASP B 319 1.43 -16.58 -24.50
C ASP B 319 1.43 -15.08 -24.27
N HIS B 320 1.45 -14.66 -23.01
CA HIS B 320 1.44 -13.23 -22.70
C HIS B 320 2.66 -12.53 -23.25
N GLU B 321 3.82 -13.14 -23.05
CA GLU B 321 5.03 -12.52 -23.56
C GLU B 321 4.86 -12.07 -25.00
N ARG B 322 4.48 -13.00 -25.87
CA ARG B 322 4.30 -12.68 -27.27
C ARG B 322 2.92 -12.13 -27.60
N LYS B 323 1.99 -12.24 -26.66
CA LYS B 323 0.62 -11.75 -26.87
C LYS B 323 -0.08 -12.57 -27.94
N ARG B 324 -0.07 -13.89 -27.75
CA ARG B 324 -0.71 -14.79 -28.69
C ARG B 324 -1.45 -15.90 -27.92
N CYS B 325 -2.07 -16.81 -28.65
CA CYS B 325 -2.79 -17.92 -28.04
C CYS B 325 -2.61 -19.22 -28.82
N ILE B 326 -2.14 -20.26 -28.15
CA ILE B 326 -1.97 -21.54 -28.82
C ILE B 326 -3.15 -22.42 -28.41
N SER B 327 -3.71 -23.14 -29.38
CA SER B 327 -4.85 -24.04 -29.12
C SER B 327 -4.59 -25.44 -29.70
N ALA B 328 -5.05 -26.46 -28.98
CA ALA B 328 -4.86 -27.85 -29.41
C ALA B 328 -6.23 -28.49 -29.44
N SER B 329 -6.63 -28.97 -30.62
CA SER B 329 -7.94 -29.58 -30.77
C SER B 329 -7.95 -31.05 -31.13
N MSE B 330 -9.13 -31.64 -30.96
CA MSE B 330 -9.36 -33.04 -31.29
C MSE B 330 -9.39 -33.12 -32.80
O MSE B 330 -9.48 -34.19 -33.38
CB MSE B 330 -10.70 -33.51 -30.74
CG MSE B 330 -11.12 -34.92 -31.16
SE MSE B 330 -12.79 -35.46 -30.34
CE MSE B 330 -12.11 -36.35 -28.78
N ASP B 331 -9.34 -31.97 -33.46
CA ASP B 331 -9.37 -32.03 -34.91
C ASP B 331 -7.95 -32.29 -35.40
N THR B 332 -7.08 -32.67 -34.46
CA THR B 332 -5.70 -33.01 -34.81
C THR B 332 -4.77 -31.85 -35.15
N THR B 333 -5.26 -30.61 -35.05
CA THR B 333 -4.40 -29.48 -35.38
C THR B 333 -4.06 -28.58 -34.21
N ILE B 334 -3.08 -27.71 -34.43
CA ILE B 334 -2.68 -26.74 -33.42
C ILE B 334 -2.80 -25.40 -34.13
N ARG B 335 -3.35 -24.40 -33.44
CA ARG B 335 -3.51 -23.08 -34.04
C ARG B 335 -2.90 -21.98 -33.20
N ILE B 336 -2.25 -21.04 -33.89
CA ILE B 336 -1.62 -19.91 -33.25
C ILE B 336 -2.49 -18.70 -33.60
N TRP B 337 -2.88 -17.93 -32.58
CA TRP B 337 -3.74 -16.78 -32.81
C TRP B 337 -3.04 -15.50 -32.33
N ASP B 338 -3.33 -14.40 -33.01
CA ASP B 338 -2.75 -13.09 -32.65
C ASP B 338 -3.76 -12.39 -31.76
N LEU B 339 -3.46 -12.25 -30.47
CA LEU B 339 -4.43 -11.60 -29.60
C LEU B 339 -4.39 -10.08 -29.71
N GLU B 340 -3.88 -9.56 -30.81
CA GLU B 340 -3.83 -8.11 -31.03
C GLU B 340 -4.96 -7.70 -31.93
N ASN B 341 -5.79 -8.67 -32.28
CA ASN B 341 -6.93 -8.41 -33.14
C ASN B 341 -7.72 -9.69 -33.40
N GLY B 342 -7.32 -10.76 -32.73
CA GLY B 342 -8.02 -12.02 -32.83
C GLY B 342 -7.96 -12.86 -34.09
N GLU B 343 -7.11 -12.53 -35.05
CA GLU B 343 -7.07 -13.36 -36.24
C GLU B 343 -5.99 -14.43 -36.22
N LEU B 344 -6.30 -15.54 -36.87
CA LEU B 344 -5.40 -16.69 -36.97
C LEU B 344 -4.05 -16.28 -37.56
N MSE B 345 -2.98 -16.92 -37.07
CA MSE B 345 -1.63 -16.65 -37.52
C MSE B 345 -1.08 -17.82 -38.32
O MSE B 345 -0.62 -17.66 -39.44
CB MSE B 345 -0.72 -16.38 -36.33
CG MSE B 345 -0.56 -14.92 -35.97
SE MSE B 345 0.62 -14.70 -34.47
CE MSE B 345 2.31 -14.81 -35.44
N TYR B 346 -1.09 -19.01 -37.71
CA TYR B 346 -0.62 -20.24 -38.38
C TYR B 346 -1.40 -21.43 -37.88
N THR B 347 -1.33 -22.51 -38.65
CA THR B 347 -1.96 -23.77 -38.31
C THR B 347 -0.84 -24.80 -38.37
N LEU B 348 -0.56 -25.45 -37.25
CA LEU B 348 0.49 -26.46 -37.20
C LEU B 348 -0.07 -27.87 -37.36
N GLN B 349 0.50 -28.64 -38.26
CA GLN B 349 0.04 -29.99 -38.49
C GLN B 349 1.15 -31.01 -38.30
N GLY B 350 1.25 -31.54 -37.09
CA GLY B 350 2.28 -32.52 -36.80
C GLY B 350 1.77 -33.69 -35.97
N HIS B 351 0.44 -33.88 -35.99
CA HIS B 351 -0.18 -34.95 -35.24
C HIS B 351 -1.33 -35.52 -36.05
N THR B 352 -1.50 -36.84 -35.99
CA THR B 352 -2.57 -37.50 -36.72
C THR B 352 -3.66 -37.94 -35.78
N ALA B 353 -3.56 -37.52 -34.52
CA ALA B 353 -4.55 -37.91 -33.53
C ALA B 353 -4.91 -36.70 -32.68
N LEU B 354 -5.82 -36.91 -31.73
CA LEU B 354 -6.23 -35.82 -30.84
C LEU B 354 -5.03 -35.21 -30.09
N VAL B 355 -4.90 -33.89 -30.15
CA VAL B 355 -3.81 -33.18 -29.49
C VAL B 355 -4.27 -32.57 -28.18
N GLY B 356 -4.16 -33.34 -27.09
CA GLY B 356 -4.61 -32.86 -25.79
C GLY B 356 -3.62 -32.23 -24.80
N LEU B 357 -2.34 -32.16 -25.14
CA LEU B 357 -1.38 -31.55 -24.21
C LEU B 357 -0.54 -30.46 -24.87
N LEU B 358 -0.18 -29.45 -24.08
CA LEU B 358 0.62 -28.31 -24.55
C LEU B 358 1.42 -27.67 -23.43
N ARG B 359 2.62 -27.23 -23.76
CA ARG B 359 3.48 -26.55 -22.80
C ARG B 359 4.25 -25.49 -23.56
N LEU B 360 4.54 -24.37 -22.90
CA LEU B 360 5.30 -23.32 -23.55
C LEU B 360 6.60 -23.19 -22.78
N SER B 361 7.70 -23.63 -23.37
CA SER B 361 9.00 -23.51 -22.73
C SER B 361 9.58 -22.20 -23.25
N ASP B 362 10.52 -21.64 -22.52
CA ASP B 362 11.14 -20.38 -22.92
C ASP B 362 11.66 -20.43 -24.37
N LYS B 363 11.96 -21.64 -24.81
CA LYS B 363 12.50 -21.85 -26.14
C LYS B 363 11.64 -22.72 -27.05
N PHE B 364 10.70 -23.46 -26.48
CA PHE B 364 9.85 -24.35 -27.28
C PHE B 364 8.35 -24.31 -26.98
N LEU B 365 7.58 -24.72 -27.99
CA LEU B 365 6.14 -24.88 -27.84
C LEU B 365 6.12 -26.39 -28.04
N VAL B 366 5.71 -27.12 -27.02
CA VAL B 366 5.69 -28.58 -27.10
C VAL B 366 4.24 -29.10 -27.10
N SER B 367 3.96 -30.11 -27.93
CA SER B 367 2.62 -30.68 -28.01
C SER B 367 2.71 -32.19 -28.12
N ALA B 368 1.76 -32.86 -27.47
CA ALA B 368 1.70 -34.32 -27.46
C ALA B 368 0.28 -34.78 -27.82
N ALA B 369 0.20 -35.90 -28.55
CA ALA B 369 -1.08 -36.42 -29.01
C ALA B 369 -1.42 -37.84 -28.59
N ALA B 370 -2.68 -38.22 -28.85
CA ALA B 370 -3.22 -39.54 -28.50
C ALA B 370 -2.59 -40.69 -29.25
N ASP B 371 -1.71 -40.38 -30.21
CA ASP B 371 -1.02 -41.40 -30.99
C ASP B 371 0.40 -41.62 -30.48
N GLY B 372 0.71 -41.02 -29.33
CA GLY B 372 2.02 -41.16 -28.74
C GLY B 372 3.10 -40.25 -29.31
N SER B 373 2.71 -39.35 -30.21
CA SER B 373 3.66 -38.43 -30.82
C SER B 373 3.86 -37.18 -30.00
N ILE B 374 5.05 -36.61 -30.10
CA ILE B 374 5.37 -35.39 -29.35
C ILE B 374 6.13 -34.48 -30.29
N ARG B 375 5.70 -33.23 -30.38
CA ARG B 375 6.41 -32.31 -31.24
C ARG B 375 6.83 -31.04 -30.52
N GLY B 376 7.98 -30.51 -30.95
CA GLY B 376 8.52 -29.29 -30.39
C GLY B 376 8.70 -28.32 -31.52
N TRP B 377 8.09 -27.15 -31.39
CA TRP B 377 8.16 -26.08 -32.39
C TRP B 377 8.87 -24.88 -31.77
N ASP B 378 9.53 -24.07 -32.58
CA ASP B 378 10.20 -22.89 -32.05
C ASP B 378 9.12 -22.04 -31.41
N ALA B 379 9.37 -21.52 -30.22
CA ALA B 379 8.35 -20.73 -29.52
C ALA B 379 7.96 -19.41 -30.19
N ASN B 380 8.73 -18.99 -31.18
CA ASN B 380 8.40 -17.74 -31.82
C ASN B 380 7.92 -17.86 -33.27
N ASP B 381 8.62 -18.66 -34.08
CA ASP B 381 8.23 -18.83 -35.49
C ASP B 381 7.62 -20.20 -35.80
N TYR B 382 7.61 -21.09 -34.81
CA TYR B 382 7.02 -22.42 -34.93
C TYR B 382 7.59 -23.36 -36.00
N SER B 383 8.88 -23.22 -36.26
CA SER B 383 9.58 -24.09 -37.19
C SER B 383 9.85 -25.36 -36.38
N ARG B 384 9.87 -26.51 -37.07
CA ARG B 384 10.08 -27.83 -36.46
C ARG B 384 11.44 -27.99 -35.82
N LYS B 385 11.44 -28.11 -34.48
CA LYS B 385 12.66 -28.24 -33.68
C LYS B 385 13.01 -29.66 -33.22
N PHE B 386 12.00 -30.47 -32.94
CA PHE B 386 12.21 -31.87 -32.53
C PHE B 386 10.89 -32.64 -32.52
N SER B 387 10.96 -33.97 -32.57
CA SER B 387 9.76 -34.80 -32.54
C SER B 387 10.07 -36.19 -32.02
N TYR B 388 9.25 -36.66 -31.09
CA TYR B 388 9.45 -37.96 -30.50
C TYR B 388 8.17 -38.77 -30.56
N HIS B 389 8.32 -40.07 -30.51
CA HIS B 389 7.19 -40.97 -30.58
C HIS B 389 7.42 -42.14 -29.64
N HIS B 390 6.51 -42.33 -28.68
CA HIS B 390 6.66 -43.45 -27.76
C HIS B 390 6.59 -44.75 -28.56
N THR B 391 7.58 -45.58 -28.34
CA THR B 391 7.72 -46.85 -29.04
C THR B 391 6.48 -47.74 -29.14
N ASN B 392 5.66 -47.75 -28.10
CA ASN B 392 4.49 -48.62 -28.12
C ASN B 392 3.23 -47.88 -28.58
N LEU B 393 3.43 -46.82 -29.34
CA LEU B 393 2.35 -46.01 -29.90
C LEU B 393 1.17 -45.66 -28.97
N SER B 394 1.34 -45.82 -27.67
CA SER B 394 0.27 -45.50 -26.73
C SER B 394 0.14 -43.99 -26.53
N ALA B 395 -1.08 -43.53 -26.27
CA ALA B 395 -1.35 -42.11 -26.09
C ALA B 395 -0.57 -41.42 -24.97
N ILE B 396 0.03 -40.29 -25.31
CA ILE B 396 0.80 -39.50 -24.35
C ILE B 396 -0.13 -38.99 -23.26
N THR B 397 0.09 -39.49 -22.03
CA THR B 397 -0.70 -39.15 -20.85
C THR B 397 -0.18 -37.91 -20.11
N THR B 398 1.12 -37.66 -20.22
CA THR B 398 1.67 -36.51 -19.55
C THR B 398 3.09 -36.28 -19.98
N PHE B 399 3.56 -35.07 -19.73
CA PHE B 399 4.90 -34.68 -20.05
C PHE B 399 5.15 -33.29 -19.52
N TYR B 400 6.42 -32.96 -19.39
CA TYR B 400 6.82 -31.67 -18.89
C TYR B 400 8.12 -31.33 -19.64
N VAL B 401 8.46 -30.04 -19.76
CA VAL B 401 9.66 -29.60 -20.47
C VAL B 401 10.32 -28.35 -19.95
N SER B 402 11.60 -28.22 -20.28
CA SER B 402 12.43 -27.06 -19.94
C SER B 402 13.24 -26.87 -21.22
N ASP B 403 14.04 -25.82 -21.32
CA ASP B 403 14.82 -25.66 -22.54
C ASP B 403 15.85 -26.79 -22.72
N ASN B 404 16.21 -27.47 -21.64
CA ASN B 404 17.20 -28.54 -21.74
C ASN B 404 16.65 -29.97 -21.69
N ILE B 405 15.45 -30.12 -21.13
CA ILE B 405 14.87 -31.45 -20.99
C ILE B 405 13.36 -31.64 -21.22
N LEU B 406 13.02 -32.87 -21.61
CA LEU B 406 11.66 -33.28 -21.87
C LEU B 406 11.39 -34.62 -21.19
N VAL B 407 10.36 -34.67 -20.35
CA VAL B 407 10.00 -35.90 -19.68
C VAL B 407 8.58 -36.27 -20.11
N SER B 408 8.41 -37.45 -20.70
CA SER B 408 7.08 -37.85 -21.15
C SER B 408 6.65 -39.22 -20.65
N GLY B 409 5.35 -39.35 -20.39
CA GLY B 409 4.83 -40.61 -19.90
C GLY B 409 3.55 -41.07 -20.57
N SER B 410 3.48 -42.37 -20.76
CA SER B 410 2.33 -43.06 -21.36
C SER B 410 2.34 -44.46 -20.72
N GLU B 411 1.31 -45.24 -21.00
CA GLU B 411 1.21 -46.58 -20.47
C GLU B 411 2.52 -47.34 -20.69
N ASN B 412 3.08 -47.90 -19.62
CA ASN B 412 4.31 -48.69 -19.70
C ASN B 412 5.53 -47.93 -20.19
N GLN B 413 5.42 -46.61 -20.30
CA GLN B 413 6.55 -45.83 -20.75
C GLN B 413 6.79 -44.54 -19.96
N PHE B 414 8.05 -44.27 -19.68
CA PHE B 414 8.44 -43.06 -18.97
C PHE B 414 9.80 -42.74 -19.56
N ASN B 415 9.87 -41.62 -20.29
CA ASN B 415 11.11 -41.25 -20.95
C ASN B 415 11.64 -39.87 -20.60
N ILE B 416 12.95 -39.74 -20.67
CA ILE B 416 13.66 -38.49 -20.41
C ILE B 416 14.47 -38.25 -21.70
N TYR B 417 14.38 -37.04 -22.24
CA TYR B 417 15.10 -36.73 -23.47
C TYR B 417 15.96 -35.50 -23.26
N ASN B 418 17.19 -35.59 -23.74
CA ASN B 418 18.12 -34.50 -23.69
C ASN B 418 17.76 -33.73 -24.96
N LEU B 419 17.18 -32.55 -24.77
CA LEU B 419 16.76 -31.69 -25.88
C LEU B 419 17.90 -31.06 -26.65
N ARG B 420 19.12 -31.21 -26.17
CA ARG B 420 20.25 -30.63 -26.90
C ARG B 420 20.73 -31.64 -27.93
N SER B 421 21.04 -32.85 -27.49
CA SER B 421 21.49 -33.89 -28.40
C SER B 421 20.31 -34.55 -29.04
N GLY B 422 19.12 -34.20 -28.56
CA GLY B 422 17.91 -34.82 -29.09
C GLY B 422 17.79 -36.28 -28.70
N LYS B 423 18.83 -36.90 -28.14
CA LYS B 423 18.74 -38.32 -27.80
C LYS B 423 18.05 -38.62 -26.46
N LEU B 424 17.57 -39.84 -26.33
CA LEU B 424 16.87 -40.34 -25.15
C LEU B 424 17.89 -40.71 -24.10
N VAL B 425 17.83 -40.07 -22.94
CA VAL B 425 18.79 -40.37 -21.88
C VAL B 425 18.43 -41.64 -21.13
N HIS B 426 17.30 -41.62 -20.42
CA HIS B 426 16.87 -42.80 -19.69
C HIS B 426 15.51 -43.27 -20.20
N ALA B 427 15.28 -44.57 -20.20
CA ALA B 427 13.97 -45.07 -20.64
C ALA B 427 13.40 -46.09 -19.67
N ASN B 428 14.21 -46.55 -18.70
CA ASN B 428 13.74 -47.57 -17.76
C ASN B 428 13.65 -47.21 -16.28
N ILE B 429 13.88 -45.94 -15.96
CA ILE B 429 13.85 -45.49 -14.57
C ILE B 429 12.59 -45.85 -13.79
N LEU B 430 11.43 -45.71 -14.42
CA LEU B 430 10.20 -46.04 -13.74
C LEU B 430 9.52 -47.22 -14.45
N LYS B 431 10.33 -48.08 -15.07
CA LYS B 431 9.83 -49.23 -15.83
C LYS B 431 8.68 -49.99 -15.19
N ASP B 432 8.73 -50.20 -13.88
CA ASP B 432 7.66 -50.94 -13.20
C ASP B 432 6.32 -50.20 -13.11
N ALA B 433 6.30 -48.98 -13.61
CA ALA B 433 5.08 -48.18 -13.60
C ALA B 433 4.15 -48.65 -14.73
N ASP B 434 2.84 -48.75 -14.48
CA ASP B 434 1.91 -49.16 -15.54
C ASP B 434 1.30 -47.92 -16.25
N GLN B 435 1.17 -46.81 -15.51
CA GLN B 435 0.64 -45.56 -16.04
C GLN B 435 1.34 -44.37 -15.41
N ILE B 436 1.62 -43.36 -16.23
CA ILE B 436 2.24 -42.13 -15.73
C ILE B 436 1.13 -41.11 -15.89
N TRP B 437 0.49 -40.79 -14.77
CA TRP B 437 -0.63 -39.85 -14.76
C TRP B 437 -0.16 -38.42 -14.91
N SER B 438 0.72 -38.00 -14.02
CA SER B 438 1.22 -36.64 -14.07
C SER B 438 2.71 -36.64 -13.79
N VAL B 439 3.44 -35.81 -14.53
CA VAL B 439 4.88 -35.69 -14.36
C VAL B 439 5.21 -34.21 -14.33
N ASN B 440 6.12 -33.83 -13.45
CA ASN B 440 6.49 -32.43 -13.31
C ASN B 440 7.90 -32.42 -12.77
N PHE B 441 8.71 -31.46 -13.20
CA PHE B 441 10.07 -31.41 -12.68
C PHE B 441 10.61 -30.00 -12.56
N LYS B 442 11.53 -29.80 -11.63
CA LYS B 442 12.09 -28.48 -11.40
C LYS B 442 13.44 -28.60 -10.74
N GLY B 443 14.50 -28.32 -11.48
CA GLY B 443 15.84 -28.41 -10.93
C GLY B 443 16.26 -29.86 -10.75
N LYS B 444 16.82 -30.19 -9.59
CA LYS B 444 17.29 -31.55 -9.35
C LYS B 444 16.21 -32.53 -8.88
N THR B 445 14.95 -32.09 -8.87
CA THR B 445 13.87 -32.98 -8.44
C THR B 445 12.82 -33.17 -9.52
N LEU B 446 12.53 -34.45 -9.77
CA LEU B 446 11.54 -34.88 -10.74
C LEU B 446 10.46 -35.65 -9.99
N VAL B 447 9.19 -35.36 -10.26
CA VAL B 447 8.11 -36.10 -9.59
C VAL B 447 7.07 -36.68 -10.57
N ALA B 448 6.53 -37.84 -10.22
CA ALA B 448 5.52 -38.50 -11.05
C ALA B 448 4.47 -39.25 -10.23
N ALA B 449 3.21 -39.06 -10.60
CA ALA B 449 2.08 -39.74 -9.98
C ALA B 449 1.91 -40.88 -10.95
N VAL B 450 2.00 -42.11 -10.45
CA VAL B 450 1.95 -43.25 -11.35
C VAL B 450 1.01 -44.32 -10.85
N GLU B 451 0.87 -45.38 -11.63
CA GLU B 451 0.04 -46.51 -11.24
C GLU B 451 0.83 -47.81 -11.38
N LYS B 452 0.79 -48.62 -10.31
CA LYS B 452 1.48 -49.90 -10.24
C LYS B 452 0.62 -51.00 -9.64
N ASP B 453 0.19 -51.95 -10.47
CA ASP B 453 -0.63 -53.04 -9.98
C ASP B 453 -1.90 -52.57 -9.30
N GLY B 454 -2.72 -51.87 -10.08
CA GLY B 454 -3.98 -51.37 -9.58
C GLY B 454 -3.91 -50.46 -8.38
N GLN B 455 -2.84 -49.67 -8.27
CA GLN B 455 -2.67 -48.74 -7.14
C GLN B 455 -1.82 -47.52 -7.48
N SER B 456 -2.18 -46.37 -6.93
CA SER B 456 -1.40 -45.16 -7.20
C SER B 456 -0.28 -44.95 -6.19
N PHE B 457 0.76 -44.27 -6.68
CA PHE B 457 1.94 -43.97 -5.88
C PHE B 457 2.54 -42.66 -6.35
N LEU B 458 3.31 -42.03 -5.48
CA LEU B 458 3.98 -40.81 -5.88
C LEU B 458 5.45 -41.20 -6.00
N GLU B 459 6.04 -40.85 -7.15
CA GLU B 459 7.43 -41.16 -7.41
C GLU B 459 8.20 -39.85 -7.38
N ILE B 460 9.32 -39.84 -6.65
CA ILE B 460 10.19 -38.67 -6.55
C ILE B 460 11.60 -39.09 -6.96
N LEU B 461 12.16 -38.40 -7.93
CA LEU B 461 13.49 -38.70 -8.44
C LEU B 461 14.48 -37.56 -8.18
N ASP B 462 15.63 -37.93 -7.62
CA ASP B 462 16.68 -36.97 -7.27
C ASP B 462 17.87 -37.00 -8.22
N PHE B 463 18.22 -35.83 -8.76
CA PHE B 463 19.34 -35.72 -9.70
C PHE B 463 20.47 -34.85 -9.17
N SER B 464 20.43 -34.55 -7.88
CA SER B 464 21.48 -33.76 -7.25
C SER B 464 22.61 -34.69 -6.82
N SER C 7 21.97 -2.78 -10.49
CA SER C 7 22.83 -1.86 -9.70
C SER C 7 22.76 -2.23 -8.22
N ASN C 8 23.90 -2.48 -7.61
CA ASN C 8 23.93 -2.86 -6.20
C ASN C 8 24.82 -2.00 -5.30
N VAL C 9 24.50 -2.05 -4.01
CA VAL C 9 25.26 -1.34 -3.00
C VAL C 9 25.64 -2.40 -1.97
N VAL C 10 26.64 -2.14 -1.15
CA VAL C 10 26.98 -3.13 -0.15
C VAL C 10 26.75 -2.52 1.23
N LEU C 11 26.16 -3.30 2.14
CA LEU C 11 25.95 -2.83 3.50
C LEU C 11 26.84 -3.68 4.43
N VAL C 12 27.70 -3.00 5.17
CA VAL C 12 28.62 -3.67 6.08
C VAL C 12 28.04 -3.70 7.50
N SER C 13 27.95 -4.88 8.09
CA SER C 13 27.41 -5.01 9.44
C SER C 13 28.54 -4.64 10.40
N GLY C 14 28.16 -4.37 11.65
CA GLY C 14 29.13 -4.01 12.68
C GLY C 14 30.17 -5.08 12.92
N GLU C 15 29.85 -6.30 12.50
CA GLU C 15 30.75 -7.44 12.65
C GLU C 15 31.61 -7.55 11.39
N GLY C 16 31.59 -6.49 10.58
CA GLY C 16 32.38 -6.44 9.36
C GLY C 16 31.91 -7.21 8.13
N GLU C 17 30.78 -7.91 8.24
CA GLU C 17 30.23 -8.68 7.14
C GLU C 17 29.55 -7.86 6.04
N ARG C 18 29.92 -8.13 4.80
CA ARG C 18 29.36 -7.39 3.66
C ARG C 18 28.10 -8.02 3.13
N PHE C 19 27.07 -7.20 2.99
CA PHE C 19 25.78 -7.63 2.46
C PHE C 19 25.50 -6.84 1.17
N THR C 20 25.29 -7.56 0.06
CA THR C 20 24.97 -6.93 -1.23
C THR C 20 23.45 -6.99 -1.40
N VAL C 21 22.86 -5.88 -1.84
CA VAL C 21 21.42 -5.84 -2.03
C VAL C 21 21.08 -4.87 -3.16
N ASP C 22 19.94 -5.12 -3.81
CA ASP C 22 19.51 -4.28 -4.91
C ASP C 22 19.50 -2.82 -4.49
N LYS C 23 20.31 -2.01 -5.16
CA LYS C 23 20.36 -0.60 -4.85
C LYS C 23 18.96 0.01 -4.68
N LYS C 24 18.05 -0.30 -5.59
CA LYS C 24 16.70 0.23 -5.53
C LYS C 24 15.98 -0.15 -4.25
N ILE C 25 16.05 -1.43 -3.90
CA ILE C 25 15.43 -1.95 -2.67
C ILE C 25 16.14 -1.32 -1.46
N ALA C 26 17.47 -1.26 -1.53
CA ALA C 26 18.23 -0.68 -0.44
C ALA C 26 17.80 0.75 -0.14
N GLU C 27 17.44 1.49 -1.19
CA GLU C 27 17.00 2.87 -1.00
C GLU C 27 15.85 3.02 -0.01
N ARG C 28 15.38 1.90 0.51
CA ARG C 28 14.29 1.90 1.50
C ARG C 28 14.79 2.69 2.69
N SER C 29 16.11 2.65 2.87
CA SER C 29 16.79 3.34 3.94
C SER C 29 17.11 4.74 3.44
N LEU C 30 16.42 5.74 3.98
CA LEU C 30 16.67 7.11 3.57
C LEU C 30 18.11 7.44 3.81
N LEU C 31 18.71 6.78 4.80
CA LEU C 31 20.11 7.00 5.15
C LEU C 31 20.98 6.62 3.95
N LEU C 32 20.63 5.51 3.31
CA LEU C 32 21.32 5.01 2.13
C LEU C 32 20.96 5.94 0.96
N LYS C 33 19.65 6.16 0.82
CA LYS C 33 19.09 7.01 -0.22
C LYS C 33 19.82 8.35 -0.30
N ASN C 34 20.01 9.00 0.84
CA ASN C 34 20.71 10.29 0.86
C ASN C 34 22.19 10.10 0.62
N TYR C 35 22.72 8.96 1.06
CA TYR C 35 24.13 8.67 0.87
C TYR C 35 24.52 8.94 -0.59
N LEU C 36 23.57 8.74 -1.51
CA LEU C 36 23.77 8.98 -2.95
C LEU C 36 25.17 8.61 -3.41
N ILE C 50 28.21 2.99 -3.38
CA ILE C 50 28.39 1.56 -3.61
C ILE C 50 28.48 0.77 -2.27
N VAL C 51 29.41 1.15 -1.39
CA VAL C 51 29.58 0.46 -0.09
C VAL C 51 29.35 1.34 1.17
N MSE C 52 28.18 1.23 1.82
CA MSE C 52 27.89 2.04 3.03
C MSE C 52 27.97 1.25 4.34
O MSE C 52 27.37 0.17 4.46
CB MSE C 52 26.51 2.70 2.95
CG MSE C 52 26.21 3.64 4.11
SE MSE C 52 24.33 4.17 4.32
CE MSE C 52 23.56 2.48 4.92
N PRO C 53 28.67 1.78 5.37
CA PRO C 53 28.83 1.15 6.68
C PRO C 53 27.60 1.26 7.58
N VAL C 54 27.22 0.17 8.21
CA VAL C 54 26.10 0.19 9.13
C VAL C 54 26.74 -0.04 10.49
N PRO C 55 27.33 1.01 11.06
CA PRO C 55 28.00 0.99 12.35
C PRO C 55 27.17 0.45 13.49
N ASN C 56 27.80 -0.42 14.27
CA ASN C 56 27.19 -1.03 15.45
C ASN C 56 25.91 -1.81 15.24
N VAL C 57 25.76 -2.46 14.10
CA VAL C 57 24.57 -3.26 13.88
C VAL C 57 25.00 -4.69 13.64
N ARG C 58 24.50 -5.60 14.47
CA ARG C 58 24.83 -7.03 14.38
C ARG C 58 24.39 -7.69 13.05
N SER C 59 25.26 -8.52 12.47
CA SER C 59 24.98 -9.21 11.22
C SER C 59 23.59 -9.82 11.13
N SER C 60 23.23 -10.63 12.12
CA SER C 60 21.93 -11.24 12.11
C SER C 60 20.85 -10.15 12.01
N VAL C 61 21.05 -9.03 12.71
CA VAL C 61 20.07 -7.93 12.69
C VAL C 61 19.95 -7.24 11.30
N LEU C 62 21.08 -6.95 10.67
CA LEU C 62 21.09 -6.29 9.36
C LEU C 62 20.51 -7.25 8.33
N GLN C 63 20.84 -8.52 8.47
CA GLN C 63 20.33 -9.49 7.55
C GLN C 63 18.82 -9.53 7.65
N LYS C 64 18.31 -9.36 8.86
CA LYS C 64 16.89 -9.37 9.13
C LYS C 64 16.28 -8.10 8.51
N VAL C 65 16.95 -6.96 8.67
CA VAL C 65 16.43 -5.72 8.11
C VAL C 65 16.34 -5.82 6.60
N ILE C 66 17.40 -6.29 5.96
CA ILE C 66 17.39 -6.42 4.52
C ILE C 66 16.26 -7.33 4.07
N GLU C 67 16.13 -8.48 4.72
CA GLU C 67 15.08 -9.41 4.37
C GLU C 67 13.73 -8.69 4.34
N TRP C 68 13.52 -7.79 5.28
CA TRP C 68 12.28 -7.05 5.36
C TRP C 68 12.17 -6.08 4.19
N ALA C 69 13.27 -5.40 3.86
CA ALA C 69 13.26 -4.44 2.78
C ALA C 69 12.91 -5.09 1.44
N GLU C 70 13.59 -6.17 1.11
CA GLU C 70 13.35 -6.88 -0.15
C GLU C 70 11.89 -7.35 -0.19
N HIS C 71 11.41 -8.00 0.88
CA HIS C 71 10.02 -8.48 0.90
C HIS C 71 9.01 -7.36 0.71
N HIS C 72 9.39 -6.12 1.04
CA HIS C 72 8.49 -4.98 0.86
C HIS C 72 8.93 -4.10 -0.28
N ARG C 73 9.66 -4.70 -1.23
CA ARG C 73 10.19 -3.97 -2.38
C ARG C 73 9.13 -3.24 -3.21
N ASP C 74 7.91 -3.78 -3.22
CA ASP C 74 6.81 -3.15 -3.96
C ASP C 74 5.67 -2.75 -3.04
N SER C 75 5.97 -2.34 -1.82
CA SER C 75 4.92 -1.92 -0.91
C SER C 75 4.90 -0.41 -0.78
N ASN C 76 3.74 0.14 -0.42
CA ASN C 76 3.58 1.57 -0.29
C ASN C 76 3.18 1.90 1.14
N PHE C 77 3.78 2.95 1.70
CA PHE C 77 3.48 3.38 3.05
C PHE C 77 3.31 4.90 3.03
N PRO C 78 2.53 5.47 3.98
CA PRO C 78 2.32 6.93 4.04
C PRO C 78 3.60 7.75 4.08
N VAL C 91 -1.06 -2.89 12.89
CA VAL C 91 -1.94 -3.54 11.93
C VAL C 91 -1.19 -4.20 10.77
N ASP C 92 -0.57 -5.36 11.04
CA ASP C 92 0.19 -6.10 10.04
C ASP C 92 -0.22 -7.58 9.99
N SER C 93 0.64 -8.38 9.36
CA SER C 93 0.42 -9.81 9.22
C SER C 93 1.75 -10.53 9.17
N TRP C 94 2.47 -10.28 8.08
CA TRP C 94 3.76 -10.89 7.85
C TRP C 94 4.69 -10.25 8.85
N ASP C 95 4.74 -8.92 8.85
CA ASP C 95 5.60 -8.19 9.78
C ASP C 95 5.43 -8.72 11.20
N ARG C 96 4.21 -9.11 11.51
CA ARG C 96 3.87 -9.67 12.81
C ARG C 96 4.62 -10.97 13.12
N GLU C 97 4.84 -11.77 12.09
CA GLU C 97 5.53 -13.05 12.19
C GLU C 97 7.04 -12.82 12.14
N PHE C 98 7.43 -11.86 11.32
CA PHE C 98 8.82 -11.47 11.14
C PHE C 98 9.38 -10.86 12.43
N LEU C 99 8.50 -10.20 13.19
CA LEU C 99 8.92 -9.57 14.44
C LEU C 99 8.71 -10.48 15.65
N LYS C 100 8.31 -11.72 15.38
CA LYS C 100 8.09 -12.69 16.46
C LYS C 100 9.43 -13.23 16.94
N VAL C 101 10.26 -12.31 17.41
CA VAL C 101 11.58 -12.65 17.89
C VAL C 101 11.68 -12.37 19.39
N ASP C 102 12.87 -12.49 19.96
CA ASP C 102 13.03 -12.23 21.38
C ASP C 102 13.21 -10.74 21.60
N GLN C 103 13.03 -10.31 22.84
CA GLN C 103 13.15 -8.90 23.19
C GLN C 103 14.48 -8.26 22.73
N GLU C 104 15.60 -8.96 22.89
CA GLU C 104 16.90 -8.42 22.47
C GLU C 104 16.92 -8.05 20.99
N MSE C 105 16.46 -9.00 20.20
CA MSE C 105 16.39 -8.88 18.76
C MSE C 105 15.47 -7.74 18.35
O MSE C 105 15.86 -6.88 17.55
CB MSE C 105 15.92 -10.20 18.17
CG MSE C 105 15.65 -10.20 16.68
SE MSE C 105 17.26 -10.28 15.62
CE MSE C 105 17.62 -8.39 15.41
N LEU C 106 14.26 -7.72 18.90
CA LEU C 106 13.29 -6.66 18.55
C LEU C 106 13.88 -5.29 18.89
N TYR C 107 14.58 -5.23 20.02
CA TYR C 107 15.23 -4.00 20.47
C TYR C 107 16.21 -3.55 19.39
N GLU C 108 17.14 -4.44 19.06
CA GLU C 108 18.15 -4.15 18.04
C GLU C 108 17.60 -3.82 16.66
N ILE C 109 16.52 -4.49 16.27
CA ILE C 109 15.91 -4.23 14.96
C ILE C 109 15.42 -2.79 14.90
N ILE C 110 14.70 -2.38 15.94
CA ILE C 110 14.17 -1.01 16.06
C ILE C 110 15.27 0.03 16.06
N LEU C 111 16.41 -0.33 16.66
CA LEU C 111 17.52 0.60 16.71
C LEU C 111 18.10 0.66 15.31
N ALA C 112 18.18 -0.48 14.66
CA ALA C 112 18.73 -0.57 13.31
C ALA C 112 17.82 0.18 12.34
N ALA C 113 16.52 -0.03 12.49
CA ALA C 113 15.53 0.62 11.64
C ALA C 113 15.69 2.12 11.81
N ASN C 114 15.66 2.58 13.06
CA ASN C 114 15.81 3.99 13.35
C ASN C 114 17.09 4.59 12.74
N TYR C 115 18.22 3.92 12.90
CA TYR C 115 19.49 4.41 12.34
C TYR C 115 19.46 4.46 10.82
N LEU C 116 18.94 3.40 10.19
CA LEU C 116 18.86 3.32 8.74
C LEU C 116 17.74 4.23 8.23
N ASN C 117 16.98 4.77 9.17
CA ASN C 117 15.86 5.65 8.83
C ASN C 117 14.88 4.92 7.91
N ILE C 118 14.29 3.85 8.43
CA ILE C 118 13.31 3.07 7.71
C ILE C 118 12.04 3.14 8.52
N LYS C 119 11.40 4.29 8.42
CA LYS C 119 10.16 4.60 9.13
C LYS C 119 9.17 3.43 9.21
N PRO C 120 8.85 2.81 8.07
CA PRO C 120 7.90 1.68 8.03
C PRO C 120 8.26 0.52 8.94
N LEU C 121 9.54 0.15 8.95
CA LEU C 121 9.99 -0.94 9.79
C LEU C 121 10.00 -0.46 11.24
N LEU C 122 10.38 0.80 11.46
CA LEU C 122 10.40 1.35 12.80
C LEU C 122 9.00 1.28 13.44
N ASP C 123 7.98 1.79 12.75
CA ASP C 123 6.62 1.76 13.29
C ASP C 123 6.20 0.32 13.63
N ALA C 124 6.34 -0.57 12.65
CA ALA C 124 5.99 -1.99 12.86
C ALA C 124 6.59 -2.53 14.16
N GLY C 125 7.89 -2.28 14.36
CA GLY C 125 8.54 -2.74 15.56
C GLY C 125 7.86 -2.14 16.77
N CYS C 126 7.63 -0.83 16.72
CA CYS C 126 6.99 -0.14 17.81
C CYS C 126 5.56 -0.58 18.10
N LYS C 127 4.81 -0.92 17.06
CA LYS C 127 3.43 -1.39 17.24
C LYS C 127 3.46 -2.68 18.02
N VAL C 128 4.41 -3.54 17.68
CA VAL C 128 4.53 -4.82 18.37
C VAL C 128 4.85 -4.65 19.86
N VAL C 129 5.69 -3.68 20.20
CA VAL C 129 6.03 -3.43 21.59
C VAL C 129 4.79 -2.93 22.33
N ALA C 130 4.08 -1.99 21.71
CA ALA C 130 2.86 -1.43 22.27
C ALA C 130 1.88 -2.57 22.48
N GLU C 131 1.88 -3.50 21.54
CA GLU C 131 0.98 -4.65 21.61
C GLU C 131 1.31 -5.56 22.77
N MSE C 132 2.49 -5.39 23.37
CA MSE C 132 2.86 -6.24 24.51
C MSE C 132 2.37 -5.62 25.80
O MSE C 132 2.31 -6.29 26.83
CB MSE C 132 4.38 -6.38 24.61
CG MSE C 132 5.08 -6.97 23.42
SE MSE C 132 6.97 -7.16 23.81
CE MSE C 132 6.81 -8.61 25.10
N ILE C 133 2.03 -4.34 25.75
CA ILE C 133 1.59 -3.65 26.94
C ILE C 133 0.09 -3.58 26.96
N ARG C 134 -0.48 -3.33 25.78
CA ARG C 134 -1.92 -3.22 25.59
C ARG C 134 -2.74 -4.17 26.45
N GLY C 135 -3.69 -3.58 27.20
CA GLY C 135 -4.57 -4.34 28.06
C GLY C 135 -3.97 -5.12 29.22
N ARG C 136 -2.69 -4.88 29.53
CA ARG C 136 -2.03 -5.59 30.63
C ARG C 136 -1.94 -4.68 31.87
N SER C 137 -1.72 -5.27 33.03
CA SER C 137 -1.63 -4.49 34.26
C SER C 137 -0.17 -4.23 34.62
N PRO C 138 0.06 -3.27 35.53
CA PRO C 138 1.40 -2.88 35.99
C PRO C 138 2.26 -4.09 36.31
N GLU C 139 1.72 -5.03 37.08
CA GLU C 139 2.46 -6.22 37.44
C GLU C 139 2.69 -7.12 36.22
N GLU C 140 1.68 -7.24 35.37
CA GLU C 140 1.82 -8.08 34.19
C GLU C 140 2.86 -7.49 33.24
N ILE C 141 2.87 -6.17 33.13
CA ILE C 141 3.84 -5.49 32.29
C ILE C 141 5.22 -5.70 32.89
N ARG C 142 5.32 -5.69 34.22
CA ARG C 142 6.60 -5.88 34.84
C ARG C 142 7.18 -7.27 34.56
N ARG C 143 6.36 -8.31 34.60
CA ARG C 143 6.87 -9.63 34.34
C ARG C 143 7.25 -9.84 32.90
N THR C 144 6.63 -9.09 32.00
CA THR C 144 6.92 -9.20 30.60
C THR C 144 8.32 -8.71 30.24
N PHE C 145 8.72 -7.64 30.90
CA PHE C 145 10.03 -7.06 30.65
C PHE C 145 11.00 -7.25 31.81
N ASN C 146 10.55 -7.98 32.84
CA ASN C 146 11.34 -8.23 34.05
C ASN C 146 11.74 -6.89 34.66
N ILE C 147 10.80 -5.97 34.77
CA ILE C 147 11.08 -4.67 35.37
C ILE C 147 10.91 -4.75 36.89
N VAL C 148 11.70 -3.97 37.62
CA VAL C 148 11.56 -3.98 39.06
C VAL C 148 10.66 -2.85 39.54
N ASN C 149 9.75 -3.20 40.45
CA ASN C 149 8.84 -2.25 41.03
C ASN C 149 9.62 -1.50 42.12
N ASP C 150 10.13 -0.32 41.78
CA ASP C 150 10.91 0.46 42.73
C ASP C 150 10.15 1.52 43.50
N PHE C 151 8.82 1.45 43.47
CA PHE C 151 8.00 2.42 44.21
C PHE C 151 7.94 2.11 45.71
N THR C 152 8.05 3.15 46.53
CA THR C 152 7.96 3.02 47.99
C THR C 152 6.51 2.73 48.36
N PRO C 153 6.27 1.99 49.46
CA PRO C 153 4.88 1.70 49.83
C PRO C 153 4.02 2.95 49.72
N GLU C 154 4.62 4.08 50.07
CA GLU C 154 3.92 5.35 50.02
C GLU C 154 3.55 5.70 48.58
N GLU C 155 4.56 5.88 47.72
CA GLU C 155 4.36 6.22 46.32
C GLU C 155 3.39 5.30 45.58
N GLU C 156 3.41 4.01 45.89
CA GLU C 156 2.52 3.05 45.27
C GLU C 156 1.05 3.41 45.56
N ALA C 157 0.72 3.51 46.84
CA ALA C 157 -0.64 3.83 47.28
C ALA C 157 -1.14 5.13 46.65
N ALA C 158 -0.21 6.00 46.29
CA ALA C 158 -0.58 7.28 45.71
C ALA C 158 -0.69 7.21 44.18
N ILE C 159 -0.47 6.03 43.61
CA ILE C 159 -0.55 5.88 42.16
C ILE C 159 -1.84 5.21 41.72
N ARG C 160 -2.88 5.40 42.49
CA ARG C 160 -4.21 4.88 42.18
C ARG C 160 -5.01 6.16 42.34
N ARG C 161 -4.46 7.02 43.19
CA ARG C 161 -5.00 8.33 43.53
C ARG C 161 -6.44 8.28 44.03
N LEU D 10 16.47 -12.57 26.52
CA LEU D 10 16.12 -12.62 27.97
C LEU D 10 15.40 -11.31 28.33
N LYS D 11 15.44 -10.92 29.60
CA LYS D 11 14.78 -9.71 30.06
C LYS D 11 15.21 -8.52 29.22
N ARG D 12 14.35 -7.51 29.16
CA ARG D 12 14.69 -6.32 28.42
C ARG D 12 13.63 -5.26 28.54
N ASP D 13 13.91 -4.27 29.38
CA ASP D 13 12.98 -3.18 29.54
C ASP D 13 13.19 -2.25 28.33
N LEU D 14 12.62 -2.64 27.19
CA LEU D 14 12.70 -1.91 25.93
C LEU D 14 12.46 -0.40 26.07
N ILE D 15 11.50 -0.07 26.91
CA ILE D 15 11.11 1.29 27.14
C ILE D 15 12.15 2.23 27.75
N THR D 16 12.86 1.69 28.74
CA THR D 16 13.92 2.41 29.43
C THR D 16 15.16 2.37 28.54
N SER D 17 15.33 1.26 27.83
CA SER D 17 16.47 1.09 26.94
C SER D 17 16.41 1.90 25.63
N LEU D 18 15.27 1.86 24.96
CA LEU D 18 15.12 2.60 23.72
C LEU D 18 15.29 4.07 23.96
N PRO D 19 15.67 4.81 22.92
CA PRO D 19 15.87 6.26 23.01
C PRO D 19 14.50 6.84 23.31
N PHE D 20 14.49 7.92 24.09
CA PHE D 20 13.26 8.61 24.50
C PHE D 20 12.24 8.76 23.37
N GLU D 21 12.70 9.19 22.20
CA GLU D 21 11.81 9.38 21.06
C GLU D 21 11.12 8.07 20.69
N ILE D 22 11.88 6.99 20.53
CA ILE D 22 11.26 5.73 20.16
C ILE D 22 10.23 5.20 21.16
N SER D 23 10.46 5.40 22.45
CA SER D 23 9.50 4.91 23.43
C SER D 23 8.22 5.74 23.41
N LEU D 24 8.30 7.02 23.07
CA LEU D 24 7.09 7.83 23.02
C LEU D 24 6.21 7.31 21.89
N LYS D 25 6.84 6.93 20.78
CA LYS D 25 6.11 6.39 19.64
C LYS D 25 5.29 5.21 20.12
N ILE D 26 5.96 4.26 20.77
CA ILE D 26 5.27 3.09 21.31
C ILE D 26 4.05 3.58 22.13
N PHE D 27 4.27 4.52 23.07
CA PHE D 27 3.14 4.99 23.86
C PHE D 27 2.01 5.61 23.07
N ASN D 28 2.34 6.32 22.00
CA ASN D 28 1.35 6.95 21.15
C ASN D 28 0.48 5.92 20.38
N TYR D 29 0.82 4.63 20.49
CA TYR D 29 0.03 3.57 19.85
C TYR D 29 -0.85 2.91 20.89
N LEU D 30 -0.80 3.40 22.12
CA LEU D 30 -1.59 2.79 23.18
C LEU D 30 -2.79 3.61 23.59
N GLN D 31 -3.79 2.94 24.11
CA GLN D 31 -4.97 3.65 24.56
C GLN D 31 -4.60 4.33 25.86
N PHE D 32 -5.36 5.36 26.21
CA PHE D 32 -5.06 6.10 27.41
C PHE D 32 -5.02 5.24 28.66
N GLU D 33 -5.90 4.27 28.74
CA GLU D 33 -5.96 3.38 29.90
C GLU D 33 -4.63 2.65 30.10
N ASP D 34 -4.00 2.22 29.00
CA ASP D 34 -2.74 1.51 29.06
C ASP D 34 -1.60 2.45 29.45
N ILE D 35 -1.82 3.74 29.24
CA ILE D 35 -0.81 4.74 29.56
C ILE D 35 -0.84 4.99 31.06
N ILE D 36 -2.05 4.94 31.62
CA ILE D 36 -2.21 5.16 33.05
C ILE D 36 -1.68 3.97 33.84
N ASN D 37 -1.79 2.78 33.28
CA ASN D 37 -1.26 1.62 33.96
C ASN D 37 0.25 1.76 33.88
N SER D 38 0.73 2.14 32.70
CA SER D 38 2.15 2.34 32.44
C SER D 38 2.76 3.36 33.39
N LEU D 39 1.94 4.24 33.92
CA LEU D 39 2.43 5.25 34.84
C LEU D 39 2.73 4.63 36.18
N GLY D 40 2.26 3.39 36.36
CA GLY D 40 2.48 2.70 37.62
C GLY D 40 3.34 1.45 37.49
N VAL D 41 4.15 1.40 36.45
CA VAL D 41 5.04 0.27 36.23
C VAL D 41 6.32 0.45 37.03
N SER D 42 6.97 1.60 36.88
CA SER D 42 8.20 1.85 37.62
C SER D 42 8.50 3.34 37.61
N GLN D 43 9.38 3.77 38.52
CA GLN D 43 9.75 5.18 38.60
C GLN D 43 10.22 5.71 37.26
N ASN D 44 10.93 4.88 36.49
CA ASN D 44 11.43 5.37 35.20
C ASN D 44 10.35 5.52 34.15
N TRP D 45 9.42 4.56 34.09
CA TRP D 45 8.33 4.67 33.14
C TRP D 45 7.58 5.94 33.54
N ASN D 46 7.32 6.08 34.85
CA ASN D 46 6.63 7.26 35.35
C ASN D 46 7.38 8.53 34.94
N LYS D 47 8.71 8.50 35.00
CA LYS D 47 9.47 9.67 34.60
C LYS D 47 9.29 9.97 33.11
N ILE D 48 9.49 8.93 32.30
CA ILE D 48 9.39 9.05 30.86
C ILE D 48 8.06 9.63 30.39
N ILE D 49 6.97 9.03 30.85
CA ILE D 49 5.65 9.44 30.43
C ILE D 49 5.23 10.85 30.83
N ARG D 50 5.61 11.27 32.03
CA ARG D 50 5.24 12.61 32.48
C ARG D 50 6.25 13.65 31.99
N LYS D 51 7.15 13.22 31.11
CA LYS D 51 8.16 14.10 30.55
C LYS D 51 7.68 14.65 29.20
N SER D 52 6.79 13.90 28.54
CA SER D 52 6.26 14.27 27.23
C SER D 52 5.00 15.14 27.20
N THR D 53 5.12 16.33 26.62
CA THR D 53 3.98 17.23 26.48
C THR D 53 3.18 16.75 25.26
N SER D 54 3.89 16.48 24.18
CA SER D 54 3.25 16.02 22.96
C SER D 54 2.35 14.83 23.25
N LEU D 55 2.87 13.87 24.02
CA LEU D 55 2.11 12.68 24.36
C LEU D 55 0.72 13.01 24.89
N TRP D 56 0.62 14.00 25.78
CA TRP D 56 -0.70 14.31 26.30
C TRP D 56 -1.50 15.22 25.39
N LYS D 57 -0.81 15.90 24.49
CA LYS D 57 -1.46 16.78 23.53
C LYS D 57 -2.24 15.91 22.54
N LYS D 58 -1.60 14.86 22.05
CA LYS D 58 -2.24 13.95 21.13
C LYS D 58 -3.49 13.34 21.74
N LEU D 59 -3.40 12.93 23.00
CA LEU D 59 -4.54 12.33 23.65
C LEU D 59 -5.73 13.28 23.72
N LEU D 60 -5.50 14.49 24.20
CA LEU D 60 -6.58 15.48 24.29
C LEU D 60 -7.27 15.67 22.93
N ILE D 61 -6.45 15.78 21.90
CA ILE D 61 -6.95 15.98 20.56
C ILE D 61 -7.71 14.76 20.07
N SER D 62 -7.17 13.56 20.29
CA SER D 62 -7.86 12.37 19.82
C SER D 62 -9.25 12.17 20.43
N GLU D 63 -9.40 12.46 21.73
CA GLU D 63 -10.70 12.32 22.34
C GLU D 63 -11.54 13.55 21.96
N ASN D 64 -10.91 14.46 21.23
CA ASN D 64 -11.55 15.71 20.79
C ASN D 64 -11.87 16.66 21.95
N PHE D 65 -10.97 16.77 22.93
CA PHE D 65 -11.20 17.66 24.06
C PHE D 65 -10.71 19.07 23.75
N VAL D 66 -9.85 19.17 22.74
CA VAL D 66 -9.31 20.46 22.35
C VAL D 66 -8.83 20.37 20.90
N SER D 67 -8.81 21.51 20.22
CA SER D 67 -8.37 21.59 18.82
C SER D 67 -6.88 21.89 18.72
N PRO D 68 -6.26 21.51 17.59
CA PRO D 68 -4.84 21.79 17.42
C PRO D 68 -4.60 23.30 17.55
N LYS D 69 -5.50 24.07 16.95
CA LYS D 69 -5.38 25.53 16.99
C LYS D 69 -5.93 26.13 18.29
N GLY D 70 -6.73 25.36 19.02
CA GLY D 70 -7.26 25.86 20.27
C GLY D 70 -6.38 25.45 21.44
N PHE D 71 -5.22 24.89 21.13
CA PHE D 71 -4.30 24.43 22.17
C PHE D 71 -3.84 25.46 23.19
N ASN D 72 -3.18 26.52 22.72
CA ASN D 72 -2.68 27.57 23.61
C ASN D 72 -3.72 28.02 24.64
N SER D 73 -4.89 28.45 24.17
CA SER D 73 -5.93 28.90 25.07
C SER D 73 -6.14 27.95 26.25
N LEU D 74 -6.32 26.66 25.95
CA LEU D 74 -6.53 25.68 27.01
C LEU D 74 -5.30 25.61 27.91
N ASN D 75 -4.13 25.60 27.29
CA ASN D 75 -2.90 25.54 28.06
C ASN D 75 -2.84 26.70 29.04
N LEU D 76 -3.05 27.92 28.53
CA LEU D 76 -3.03 29.08 29.37
C LEU D 76 -4.10 28.98 30.46
N LYS D 77 -5.28 28.48 30.13
CA LYS D 77 -6.32 28.36 31.16
C LYS D 77 -5.79 27.50 32.29
N LEU D 78 -5.06 26.46 31.94
CA LEU D 78 -4.50 25.52 32.92
C LEU D 78 -3.44 26.16 33.80
N SER D 79 -2.59 26.98 33.19
CA SER D 79 -1.54 27.64 33.94
C SER D 79 -2.09 28.46 35.10
N GLN D 80 -3.25 29.10 34.90
CA GLN D 80 -3.85 29.89 35.98
C GLN D 80 -4.47 28.92 36.97
N LYS D 81 -4.92 27.78 36.46
CA LYS D 81 -5.53 26.77 37.28
C LYS D 81 -4.50 26.02 38.15
N TYR D 82 -3.41 25.59 37.52
CA TYR D 82 -2.37 24.84 38.22
C TYR D 82 -0.99 25.47 38.11
N PRO D 83 -0.75 26.57 38.83
CA PRO D 83 0.53 27.29 38.84
C PRO D 83 1.75 26.43 39.14
N LYS D 84 1.61 25.55 40.14
CA LYS D 84 2.71 24.69 40.55
C LYS D 84 2.94 23.43 39.74
N LEU D 85 2.01 23.10 38.84
CA LEU D 85 2.19 21.91 38.02
C LEU D 85 2.93 22.20 36.72
N SER D 86 3.53 21.17 36.16
CA SER D 86 4.26 21.31 34.90
C SER D 86 3.26 21.20 33.76
N GLN D 87 3.71 21.53 32.56
CA GLN D 87 2.81 21.46 31.43
C GLN D 87 2.30 20.04 31.23
N GLN D 88 3.22 19.08 31.23
CA GLN D 88 2.84 17.70 31.04
C GLN D 88 1.78 17.34 32.06
N ASP D 89 2.10 17.58 33.33
CA ASP D 89 1.19 17.23 34.42
C ASP D 89 -0.20 17.85 34.31
N ARG D 90 -0.26 19.13 33.97
CA ARG D 90 -1.54 19.82 33.81
C ARG D 90 -2.38 19.06 32.78
N LEU D 91 -1.83 18.93 31.57
CA LEU D 91 -2.50 18.25 30.49
C LEU D 91 -3.02 16.90 30.94
N ARG D 92 -2.22 16.16 31.69
CA ARG D 92 -2.64 14.86 32.18
C ARG D 92 -3.90 15.03 33.04
N LEU D 93 -3.95 16.10 33.82
CA LEU D 93 -5.13 16.29 34.65
C LEU D 93 -6.32 16.69 33.80
N SER D 94 -6.10 17.53 32.80
CA SER D 94 -7.20 17.97 31.96
C SER D 94 -7.80 16.74 31.28
N PHE D 95 -6.94 15.92 30.70
CA PHE D 95 -7.38 14.72 30.04
C PHE D 95 -8.19 13.85 30.98
N LEU D 96 -7.61 13.50 32.12
CA LEU D 96 -8.31 12.65 33.08
C LEU D 96 -9.64 13.24 33.54
N GLU D 97 -9.68 14.57 33.73
CA GLU D 97 -10.90 15.21 34.17
C GLU D 97 -11.98 15.21 33.07
N ASN D 98 -11.53 15.32 31.82
CA ASN D 98 -12.45 15.36 30.69
C ASN D 98 -13.00 14.00 30.32
N ILE D 99 -12.23 12.94 30.56
CA ILE D 99 -12.70 11.60 30.25
C ILE D 99 -13.80 11.30 31.24
N PHE D 100 -13.48 11.59 32.49
CA PHE D 100 -14.39 11.39 33.60
C PHE D 100 -15.74 11.97 33.23
N ILE D 101 -15.74 13.24 32.84
CA ILE D 101 -16.96 13.94 32.47
C ILE D 101 -17.66 13.34 31.25
N LEU D 102 -16.89 12.98 30.23
CA LEU D 102 -17.48 12.40 29.03
C LEU D 102 -18.14 11.04 29.32
N LYS D 103 -17.48 10.20 30.10
CA LYS D 103 -18.02 8.89 30.46
C LYS D 103 -19.43 9.07 31.01
N ASN D 104 -19.63 10.16 31.75
CA ASN D 104 -20.93 10.47 32.37
C ASN D 104 -21.93 10.86 31.29
N TRP D 105 -21.54 11.80 30.43
CA TRP D 105 -22.43 12.23 29.37
C TRP D 105 -22.93 11.01 28.62
N TYR D 106 -21.98 10.15 28.22
CA TYR D 106 -22.29 8.95 27.45
C TYR D 106 -23.02 7.84 28.19
N ASN D 107 -22.98 7.89 29.52
CA ASN D 107 -23.61 6.87 30.37
C ASN D 107 -25.11 7.02 30.49
N PRO D 108 -25.86 6.13 29.84
CA PRO D 108 -27.33 6.16 29.86
C PRO D 108 -27.89 6.14 31.28
N LYS D 109 -27.20 5.42 32.16
CA LYS D 109 -27.66 5.29 33.55
C LYS D 109 -27.31 6.49 34.44
N PHE D 110 -26.39 7.35 34.01
CA PHE D 110 -26.00 8.50 34.83
C PHE D 110 -27.04 9.62 34.90
N VAL D 111 -27.29 10.10 36.12
CA VAL D 111 -28.25 11.18 36.34
C VAL D 111 -27.58 12.50 36.74
N PRO D 112 -27.71 13.51 35.87
CA PRO D 112 -27.13 14.85 36.09
C PRO D 112 -27.70 15.54 37.31
N GLN D 113 -27.03 16.59 37.76
CA GLN D 113 -27.56 17.37 38.87
C GLN D 113 -28.36 18.46 38.14
N ARG D 114 -29.64 18.58 38.46
CA ARG D 114 -30.48 19.56 37.80
C ARG D 114 -30.82 20.71 38.74
N THR D 115 -30.80 21.93 38.19
CA THR D 115 -31.10 23.14 38.94
C THR D 115 -31.99 24.03 38.08
N THR D 116 -33.22 24.28 38.52
CA THR D 116 -34.14 25.12 37.76
C THR D 116 -34.24 26.49 38.40
N LEU D 117 -34.04 27.55 37.61
CA LEU D 117 -34.11 28.92 38.11
C LEU D 117 -35.23 29.65 37.39
N ARG D 118 -35.75 30.70 38.03
CA ARG D 118 -36.83 31.50 37.47
C ARG D 118 -36.30 32.24 36.25
N GLY D 119 -37.16 32.42 35.25
CA GLY D 119 -36.78 33.10 34.03
C GLY D 119 -37.34 34.52 33.92
N HIS D 120 -37.75 34.89 32.72
CA HIS D 120 -38.29 36.22 32.47
C HIS D 120 -39.78 36.23 32.74
N MSE D 121 -40.40 37.40 32.61
CA MSE D 121 -41.83 37.53 32.87
C MSE D 121 -42.67 37.00 31.71
O MSE D 121 -43.88 36.82 31.85
CB MSE D 121 -42.16 38.99 33.15
CG MSE D 121 -41.79 39.41 34.57
SE MSE D 121 -41.31 41.26 34.70
CE MSE D 121 -43.03 42.04 34.29
N THR D 122 -42.01 36.75 30.58
CA THR D 122 -42.65 36.19 29.40
C THR D 122 -42.22 34.73 29.35
N SER D 123 -43.05 33.84 28.81
CA SER D 123 -42.72 32.42 28.77
C SER D 123 -41.70 32.04 27.70
N VAL D 124 -41.43 32.97 26.79
CA VAL D 124 -40.50 32.74 25.69
C VAL D 124 -39.17 33.48 25.88
N ILE D 125 -38.06 32.76 25.80
CA ILE D 125 -36.75 33.39 25.92
C ILE D 125 -36.29 33.59 24.48
N THR D 126 -35.82 34.80 24.14
CA THR D 126 -35.40 35.06 22.78
C THR D 126 -33.90 34.90 22.48
N CYS D 127 -33.07 34.76 23.51
CA CYS D 127 -31.64 34.55 23.28
C CYS D 127 -30.90 34.13 24.52
N LEU D 128 -29.80 33.40 24.31
CA LEU D 128 -29.02 32.90 25.42
C LEU D 128 -27.52 32.87 25.14
N GLN D 129 -26.74 33.35 26.11
CA GLN D 129 -25.29 33.36 26.03
C GLN D 129 -24.74 32.58 27.22
N PHE D 130 -23.66 31.84 27.01
CA PHE D 130 -23.01 31.10 28.10
C PHE D 130 -21.49 31.21 27.95
N GLU D 131 -20.89 32.00 28.84
CA GLU D 131 -19.45 32.28 28.86
C GLU D 131 -19.04 32.76 30.25
N ASP D 132 -17.74 32.74 30.54
CA ASP D 132 -17.20 33.17 31.83
C ASP D 132 -18.07 32.87 33.03
N ASN D 133 -18.48 31.61 33.13
CA ASN D 133 -19.30 31.17 34.23
C ASN D 133 -20.55 32.05 34.36
N TYR D 134 -20.92 32.70 33.26
CA TYR D 134 -22.10 33.55 33.20
C TYR D 134 -23.13 32.97 32.22
N VAL D 135 -24.40 32.95 32.60
CA VAL D 135 -25.42 32.49 31.68
C VAL D 135 -26.34 33.68 31.50
N ILE D 136 -26.27 34.32 30.34
CA ILE D 136 -27.12 35.48 30.10
C ILE D 136 -28.26 35.13 29.14
N THR D 137 -29.44 35.68 29.41
CA THR D 137 -30.62 35.46 28.59
C THR D 137 -31.39 36.75 28.36
N GLY D 138 -32.17 36.78 27.29
CA GLY D 138 -32.96 37.96 26.97
C GLY D 138 -34.36 37.52 26.61
N ALA D 139 -35.33 38.43 26.67
CA ALA D 139 -36.71 38.07 26.32
C ALA D 139 -37.55 39.25 25.81
N ASP D 140 -38.73 38.92 25.29
CA ASP D 140 -39.60 39.95 24.76
C ASP D 140 -40.12 40.80 25.90
N ASP D 141 -39.72 40.47 27.12
CA ASP D 141 -40.14 41.24 28.28
C ASP D 141 -39.17 42.39 28.48
N LYS D 142 -38.42 42.69 27.41
CA LYS D 142 -37.43 43.77 27.39
C LYS D 142 -36.45 43.74 28.57
N MSE D 143 -36.10 42.53 28.99
CA MSE D 143 -35.24 42.34 30.14
C MSE D 143 -34.06 41.40 29.83
O MSE D 143 -34.13 40.56 28.92
CB MSE D 143 -36.11 41.78 31.27
CG MSE D 143 -35.98 42.50 32.60
SE MSE D 143 -36.47 44.38 32.75
CE MSE D 143 -38.26 44.10 33.47
N ILE D 144 -32.98 41.54 30.59
CA ILE D 144 -31.79 40.71 30.43
C ILE D 144 -31.38 40.13 31.78
N ARG D 145 -31.46 38.81 31.91
CA ARG D 145 -31.10 38.14 33.14
C ARG D 145 -29.67 37.61 33.06
N VAL D 146 -28.94 37.71 34.17
CA VAL D 146 -27.56 37.23 34.28
C VAL D 146 -27.49 36.20 35.40
N TYR D 147 -26.96 35.02 35.11
CA TYR D 147 -26.86 33.95 36.11
C TYR D 147 -25.42 33.47 36.29
N ASP D 148 -25.15 32.91 37.47
CA ASP D 148 -23.86 32.34 37.87
C ASP D 148 -23.96 30.83 37.64
N SER D 149 -23.24 30.35 36.63
CA SER D 149 -23.27 28.94 36.26
C SER D 149 -22.50 28.03 37.19
N ILE D 150 -21.66 28.62 38.04
CA ILE D 150 -20.88 27.83 39.00
C ILE D 150 -21.72 27.56 40.25
N ASN D 151 -22.20 28.62 40.88
CA ASN D 151 -23.03 28.41 42.06
C ASN D 151 -24.47 28.15 41.66
N LYS D 152 -24.71 27.97 40.36
CA LYS D 152 -26.06 27.71 39.86
C LYS D 152 -27.12 28.66 40.40
N LYS D 153 -26.95 29.97 40.28
CA LYS D 153 -27.99 30.85 40.81
C LYS D 153 -28.07 32.24 40.22
N PHE D 154 -29.28 32.79 40.20
CA PHE D 154 -29.56 34.12 39.67
C PHE D 154 -28.70 35.21 40.30
N LEU D 155 -28.09 36.03 39.45
CA LEU D 155 -27.25 37.13 39.91
C LEU D 155 -28.05 38.43 39.88
N LEU D 156 -28.18 39.03 38.70
CA LEU D 156 -28.91 40.27 38.60
C LEU D 156 -29.66 40.42 37.29
N GLN D 157 -30.48 41.46 37.19
CA GLN D 157 -31.23 41.72 35.99
C GLN D 157 -30.85 43.09 35.44
N LEU D 158 -30.71 43.17 34.12
CA LEU D 158 -30.36 44.40 33.43
C LEU D 158 -31.57 44.96 32.74
N SER D 159 -31.94 46.17 33.10
CA SER D 159 -33.11 46.83 32.52
C SER D 159 -32.76 48.12 31.76
N GLY D 160 -33.59 48.50 30.80
CA GLY D 160 -33.32 49.70 30.04
C GLY D 160 -34.00 49.76 28.68
N HIS D 161 -33.92 48.69 27.92
CA HIS D 161 -34.52 48.64 26.60
C HIS D 161 -36.01 48.95 26.69
N ASP D 162 -36.49 49.72 25.73
CA ASP D 162 -37.91 50.11 25.68
C ASP D 162 -38.68 49.10 24.83
N GLY D 163 -37.93 48.19 24.22
CA GLY D 163 -38.53 47.14 23.40
C GLY D 163 -37.93 45.80 23.78
N GLY D 164 -38.65 44.72 23.47
CA GLY D 164 -38.15 43.39 23.79
C GLY D 164 -36.78 43.10 23.18
N VAL D 165 -35.94 42.44 23.95
CA VAL D 165 -34.61 42.12 23.50
C VAL D 165 -34.66 40.91 22.59
N TRP D 166 -33.85 40.92 21.54
CA TRP D 166 -33.82 39.83 20.58
C TRP D 166 -32.43 39.42 20.10
N ALA D 167 -31.41 40.16 20.52
CA ALA D 167 -30.03 39.84 20.12
C ALA D 167 -29.01 40.25 21.17
N LEU D 168 -28.27 39.29 21.70
CA LEU D 168 -27.27 39.61 22.69
C LEU D 168 -26.02 38.77 22.57
N LYS D 169 -24.87 39.45 22.55
CA LYS D 169 -23.54 38.85 22.42
C LYS D 169 -22.62 39.30 23.56
N TYR D 170 -22.05 38.33 24.26
CA TYR D 170 -21.13 38.59 25.38
C TYR D 170 -19.70 38.84 24.90
N ALA D 171 -19.04 39.78 25.57
CA ALA D 171 -17.65 40.15 25.26
C ALA D 171 -16.78 39.92 26.52
N HIS D 172 -15.59 39.36 26.33
CA HIS D 172 -14.70 39.10 27.44
C HIS D 172 -14.60 40.30 28.36
N GLY D 173 -14.82 40.08 29.66
CA GLY D 173 -14.70 41.16 30.61
C GLY D 173 -15.97 41.51 31.37
N GLY D 174 -17.01 40.70 31.23
CA GLY D 174 -18.26 40.97 31.91
C GLY D 174 -19.08 42.00 31.14
N ILE D 175 -18.63 42.30 29.92
CA ILE D 175 -19.25 43.25 28.99
C ILE D 175 -20.12 42.51 27.96
N LEU D 176 -21.35 43.00 27.70
CA LEU D 176 -22.19 42.34 26.69
C LEU D 176 -23.01 43.34 25.88
N VAL D 177 -23.26 43.00 24.62
CA VAL D 177 -24.04 43.89 23.77
C VAL D 177 -25.39 43.29 23.41
N SER D 178 -26.40 44.15 23.30
CA SER D 178 -27.73 43.68 22.96
C SER D 178 -28.40 44.56 21.92
N GLY D 179 -29.50 44.06 21.39
CA GLY D 179 -30.27 44.77 20.39
C GLY D 179 -31.72 44.40 20.58
N SER D 180 -32.64 45.31 20.25
CA SER D 180 -34.06 44.97 20.42
C SER D 180 -34.98 45.67 19.43
N THR D 181 -36.29 45.47 19.64
CA THR D 181 -37.31 46.07 18.79
C THR D 181 -37.35 47.56 19.11
N ASP D 182 -36.65 47.90 20.17
CA ASP D 182 -36.52 49.25 20.67
C ASP D 182 -35.58 50.05 19.75
N ARG D 183 -35.09 49.36 18.71
CA ARG D 183 -34.22 49.92 17.68
C ARG D 183 -32.86 50.41 18.18
N THR D 184 -32.51 50.06 19.42
CA THR D 184 -31.24 50.48 19.97
C THR D 184 -30.23 49.33 20.15
N VAL D 185 -28.97 49.71 20.26
CA VAL D 185 -27.88 48.76 20.46
C VAL D 185 -27.23 49.17 21.78
N ARG D 186 -27.38 48.37 22.83
CA ARG D 186 -26.81 48.75 24.12
C ARG D 186 -25.68 47.89 24.65
N VAL D 187 -24.72 48.56 25.32
CA VAL D 187 -23.56 47.91 25.92
C VAL D 187 -23.72 47.97 27.44
N TRP D 188 -23.53 46.84 28.10
CA TRP D 188 -23.69 46.77 29.55
C TRP D 188 -22.39 46.36 30.23
N ASP D 189 -22.43 46.32 31.55
CA ASP D 189 -21.28 45.94 32.36
C ASP D 189 -21.90 45.10 33.48
N ILE D 190 -21.79 43.78 33.40
CA ILE D 190 -22.35 42.90 34.43
C ILE D 190 -21.82 43.29 35.80
N LYS D 191 -20.51 43.48 35.85
CA LYS D 191 -19.79 43.87 37.07
C LYS D 191 -20.54 45.02 37.75
N LYS D 192 -20.65 46.14 37.05
CA LYS D 192 -21.34 47.33 37.56
C LYS D 192 -22.86 47.17 37.59
N GLY D 193 -23.36 46.26 36.75
CA GLY D 193 -24.78 46.00 36.72
C GLY D 193 -25.61 47.10 36.09
N CYS D 194 -25.12 47.68 35.00
CA CYS D 194 -25.87 48.73 34.37
C CYS D 194 -25.52 48.89 32.89
N CYS D 195 -26.23 49.80 32.24
CA CYS D 195 -26.01 50.09 30.85
C CYS D 195 -25.08 51.30 30.72
N THR D 196 -23.87 51.05 30.24
CA THR D 196 -22.89 52.11 30.09
C THR D 196 -23.00 52.86 28.75
N HIS D 197 -23.68 52.26 27.77
CA HIS D 197 -23.81 52.88 26.45
C HIS D 197 -25.11 52.55 25.72
N VAL D 198 -25.62 53.55 25.01
CA VAL D 198 -26.85 53.41 24.23
C VAL D 198 -26.54 54.01 22.87
N PHE D 199 -26.54 53.16 21.84
CA PHE D 199 -26.25 53.58 20.46
C PHE D 199 -27.52 53.53 19.61
N GLU D 200 -27.93 54.69 19.13
CA GLU D 200 -29.11 54.81 18.30
C GLU D 200 -28.64 54.96 16.87
N GLY D 201 -29.47 54.55 15.91
CA GLY D 201 -29.09 54.66 14.52
C GLY D 201 -29.99 53.88 13.59
N HIS D 202 -30.17 52.61 13.89
CA HIS D 202 -31.03 51.77 13.07
C HIS D 202 -32.41 52.38 13.10
N ASN D 203 -33.10 52.32 11.96
CA ASN D 203 -34.43 52.89 11.84
C ASN D 203 -35.50 51.85 12.04
N SER D 204 -35.07 50.66 12.49
CA SER D 204 -36.00 49.56 12.72
C SER D 204 -35.39 48.60 13.75
N THR D 205 -36.08 47.50 14.04
CA THR D 205 -35.62 46.50 15.01
C THR D 205 -34.22 45.95 14.70
N VAL D 206 -33.40 45.81 15.72
CA VAL D 206 -32.06 45.24 15.58
C VAL D 206 -32.38 43.75 15.64
N ARG D 207 -32.11 43.03 14.56
CA ARG D 207 -32.43 41.62 14.50
C ARG D 207 -31.28 40.69 14.91
N CYS D 208 -30.04 41.06 14.58
CA CYS D 208 -28.91 40.22 14.90
C CYS D 208 -27.66 41.03 15.12
N LEU D 209 -26.66 40.45 15.78
CA LEU D 209 -25.41 41.15 16.04
C LEU D 209 -24.23 40.23 16.29
N ASP D 210 -23.03 40.74 16.06
CA ASP D 210 -21.85 39.95 16.28
C ASP D 210 -20.72 40.89 16.72
N ILE D 211 -19.68 40.34 17.31
CA ILE D 211 -18.57 41.16 17.74
C ILE D 211 -17.26 40.55 17.26
N VAL D 212 -16.56 41.27 16.40
CA VAL D 212 -15.31 40.78 15.86
C VAL D 212 -14.15 41.60 16.41
N GLU D 213 -12.93 41.15 16.10
CA GLU D 213 -11.73 41.83 16.57
C GLU D 213 -10.72 41.82 15.45
N TYR D 214 -10.27 43.00 15.05
CA TYR D 214 -9.30 43.11 13.99
C TYR D 214 -8.25 44.10 14.47
N LYS D 215 -6.98 43.70 14.39
CA LYS D 215 -5.85 44.53 14.82
C LYS D 215 -6.03 45.06 16.24
N ASN D 216 -6.39 44.17 17.16
CA ASN D 216 -6.60 44.49 18.57
C ASN D 216 -7.70 45.49 18.89
N ILE D 217 -8.58 45.72 17.91
CA ILE D 217 -9.72 46.63 18.07
C ILE D 217 -11.01 45.81 17.92
N LYS D 218 -11.91 45.92 18.90
CA LYS D 218 -13.16 45.18 18.86
C LYS D 218 -14.32 45.97 18.26
N TYR D 219 -14.98 45.36 17.29
CA TYR D 219 -16.10 45.99 16.61
C TYR D 219 -17.41 45.24 16.83
N ILE D 220 -18.50 46.00 16.82
CA ILE D 220 -19.84 45.45 16.97
C ILE D 220 -20.51 45.58 15.59
N VAL D 221 -21.08 44.50 15.10
CA VAL D 221 -21.80 44.56 13.82
C VAL D 221 -23.23 44.16 14.11
N THR D 222 -24.15 45.10 13.85
CA THR D 222 -25.55 44.88 14.10
C THR D 222 -26.37 44.91 12.80
N GLY D 223 -27.20 43.88 12.63
CA GLY D 223 -28.06 43.76 11.46
C GLY D 223 -29.47 44.16 11.85
N SER D 224 -30.20 44.79 10.92
CA SER D 224 -31.53 45.29 11.20
C SER D 224 -32.62 44.98 10.19
N ARG D 225 -33.86 45.23 10.57
CA ARG D 225 -34.98 45.05 9.66
C ARG D 225 -34.97 46.23 8.67
N ASP D 226 -34.12 47.22 8.94
CA ASP D 226 -34.04 48.39 8.07
C ASP D 226 -33.19 48.16 6.83
N ASN D 227 -32.79 46.91 6.59
CA ASN D 227 -31.99 46.55 5.41
C ASN D 227 -30.49 46.81 5.57
N THR D 228 -30.08 47.32 6.72
CA THR D 228 -28.66 47.63 6.89
C THR D 228 -28.02 46.99 8.10
N LEU D 229 -26.71 47.16 8.16
CA LEU D 229 -25.89 46.67 9.25
C LEU D 229 -25.05 47.86 9.71
N HIS D 230 -25.24 48.31 10.94
CA HIS D 230 -24.46 49.42 11.44
C HIS D 230 -23.26 48.81 12.15
N VAL D 231 -22.10 49.43 12.00
CA VAL D 231 -20.89 48.93 12.64
C VAL D 231 -20.46 49.95 13.70
N TRP D 232 -20.15 49.46 14.89
CA TRP D 232 -19.72 50.32 15.98
C TRP D 232 -18.47 49.71 16.60
N LYS D 233 -17.69 50.53 17.29
CA LYS D 233 -16.52 49.99 17.93
C LYS D 233 -16.90 49.83 19.40
N LEU D 234 -16.63 48.65 19.93
CA LEU D 234 -16.96 48.33 21.32
C LEU D 234 -16.17 49.22 22.27
N PRO D 235 -16.88 50.03 23.07
CA PRO D 235 -16.25 50.96 24.05
C PRO D 235 -15.20 50.28 24.95
N LYS D 236 -14.19 51.02 25.37
CA LYS D 236 -13.12 50.48 26.23
C LYS D 236 -13.69 49.80 27.48
N ASP D 248 -24.34 58.25 35.85
CA ASP D 248 -24.04 59.00 34.64
C ASP D 248 -23.73 58.04 33.52
N TYR D 249 -23.33 56.82 33.89
CA TYR D 249 -22.97 55.80 32.92
C TYR D 249 -23.90 55.62 31.74
N PRO D 250 -25.21 55.85 31.92
CA PRO D 250 -26.06 55.67 30.75
C PRO D 250 -25.72 56.75 29.73
N LEU D 251 -24.68 56.53 28.93
CA LEU D 251 -24.25 57.49 27.93
C LEU D 251 -25.00 57.26 26.62
N VAL D 252 -26.00 58.10 26.36
CA VAL D 252 -26.82 57.99 25.16
C VAL D 252 -26.35 58.83 23.99
N PHE D 253 -26.32 58.21 22.80
CA PHE D 253 -25.89 58.87 21.58
C PHE D 253 -27.04 58.83 20.56
N HIS D 254 -27.88 59.87 20.55
CA HIS D 254 -29.01 59.96 19.64
C HIS D 254 -28.58 60.08 18.19
N THR D 255 -27.38 60.63 17.98
CA THR D 255 -26.88 60.79 16.62
C THR D 255 -25.58 60.05 16.35
N PRO D 256 -25.57 59.24 15.28
CA PRO D 256 -24.43 58.44 14.83
C PRO D 256 -23.26 59.31 14.46
N GLU D 257 -23.55 60.44 13.83
CA GLU D 257 -22.51 61.34 13.41
C GLU D 257 -21.70 61.92 14.57
N GLU D 258 -22.35 62.11 15.72
CA GLU D 258 -21.65 62.65 16.89
C GLU D 258 -21.14 61.54 17.79
N ASN D 259 -21.61 60.33 17.53
CA ASN D 259 -21.20 59.17 18.30
C ASN D 259 -19.78 58.79 17.87
N PRO D 260 -18.82 58.87 18.81
CA PRO D 260 -17.42 58.55 18.56
C PRO D 260 -17.20 57.06 18.21
N TYR D 261 -18.09 56.22 18.74
CA TYR D 261 -18.03 54.78 18.56
C TYR D 261 -18.60 54.24 17.23
N PHE D 262 -19.40 55.07 16.57
CA PHE D 262 -20.00 54.70 15.28
C PHE D 262 -18.93 54.61 14.21
N VAL D 263 -19.15 53.78 13.20
CA VAL D 263 -18.18 53.62 12.13
C VAL D 263 -18.82 53.83 10.77
N GLY D 264 -20.02 53.28 10.58
CA GLY D 264 -20.71 53.43 9.31
C GLY D 264 -21.71 52.33 9.07
N VAL D 265 -22.55 52.50 8.05
CA VAL D 265 -23.57 51.50 7.75
C VAL D 265 -23.23 50.72 6.48
N LEU D 266 -23.39 49.40 6.54
CA LEU D 266 -23.14 48.50 5.42
C LEU D 266 -24.43 48.32 4.67
N ARG D 267 -24.60 49.09 3.60
CA ARG D 267 -25.80 49.05 2.80
C ARG D 267 -25.68 48.10 1.61
N GLY D 268 -26.68 47.24 1.41
CA GLY D 268 -26.63 46.31 0.31
C GLY D 268 -27.86 45.42 0.16
N HIS D 269 -28.42 45.02 1.29
CA HIS D 269 -29.61 44.17 1.31
C HIS D 269 -30.87 45.01 1.07
N MSE D 270 -31.89 44.39 0.48
CA MSE D 270 -33.15 45.05 0.16
C MSE D 270 -34.24 44.66 1.17
O MSE D 270 -35.37 45.16 1.11
CB MSE D 270 -33.60 44.63 -1.23
CG MSE D 270 -32.54 44.82 -2.32
SE MSE D 270 -32.41 46.68 -2.87
CE MSE D 270 -34.03 46.77 -3.90
N ALA D 271 -33.89 43.76 2.08
CA ALA D 271 -34.81 43.33 3.11
C ALA D 271 -34.07 43.09 4.42
N SER D 272 -34.82 42.71 5.45
CA SER D 272 -34.28 42.48 6.77
C SER D 272 -33.04 41.59 6.83
N VAL D 273 -32.02 42.08 7.55
CA VAL D 273 -30.78 41.33 7.75
C VAL D 273 -31.09 40.44 8.94
N ARG D 274 -31.32 39.18 8.65
CA ARG D 274 -31.70 38.19 9.64
C ARG D 274 -30.59 37.55 10.47
N THR D 275 -29.42 37.37 9.88
CA THR D 275 -28.34 36.67 10.57
C THR D 275 -26.99 37.27 10.31
N VAL D 276 -26.06 37.11 11.26
CA VAL D 276 -24.71 37.66 11.09
C VAL D 276 -23.60 36.79 11.66
N SER D 277 -22.52 36.65 10.91
CA SER D 277 -21.39 35.84 11.36
C SER D 277 -20.09 36.46 10.85
N GLY D 278 -19.25 36.88 11.80
CA GLY D 278 -17.98 37.48 11.45
C GLY D 278 -16.78 37.06 12.27
N HIS D 279 -15.60 37.24 11.67
CA HIS D 279 -14.33 36.91 12.30
C HIS D 279 -13.25 37.76 11.64
N GLY D 280 -12.54 38.55 12.45
CA GLY D 280 -11.50 39.40 11.92
C GLY D 280 -12.12 40.60 11.22
N ASN D 281 -11.58 41.00 10.08
CA ASN D 281 -12.16 42.14 9.40
C ASN D 281 -13.28 41.70 8.48
N ILE D 282 -13.58 40.40 8.50
CA ILE D 282 -14.61 39.83 7.64
C ILE D 282 -15.95 39.48 8.34
N VAL D 283 -17.06 39.93 7.76
CA VAL D 283 -18.38 39.64 8.30
C VAL D 283 -19.28 39.20 7.16
N VAL D 284 -20.15 38.22 7.42
CA VAL D 284 -21.07 37.76 6.38
C VAL D 284 -22.50 37.85 6.89
N SER D 285 -23.37 38.44 6.06
CA SER D 285 -24.76 38.62 6.44
C SER D 285 -25.78 37.85 5.60
N GLY D 286 -26.87 37.41 6.25
CA GLY D 286 -27.93 36.70 5.58
C GLY D 286 -29.18 37.54 5.65
N SER D 287 -29.80 37.82 4.50
CA SER D 287 -31.00 38.66 4.47
C SER D 287 -32.28 37.99 3.93
N TYR D 288 -33.41 38.67 4.10
CA TYR D 288 -34.67 38.15 3.61
C TYR D 288 -34.82 38.42 2.13
N ASP D 289 -33.80 39.02 1.53
CA ASP D 289 -33.87 39.29 0.10
C ASP D 289 -33.35 38.08 -0.65
N ASN D 290 -33.15 36.99 0.10
CA ASN D 290 -32.68 35.71 -0.43
C ASN D 290 -31.19 35.73 -0.72
N THR D 291 -30.51 36.74 -0.22
CA THR D 291 -29.09 36.91 -0.49
C THR D 291 -28.19 37.00 0.74
N LEU D 292 -26.88 36.85 0.50
CA LEU D 292 -25.85 36.95 1.53
C LEU D 292 -24.79 37.90 1.01
N ILE D 293 -24.22 38.70 1.91
CA ILE D 293 -23.18 39.65 1.53
C ILE D 293 -21.93 39.52 2.41
N VAL D 294 -20.77 39.39 1.75
CA VAL D 294 -19.49 39.30 2.46
C VAL D 294 -18.95 40.73 2.55
N TRP D 295 -18.77 41.22 3.77
CA TRP D 295 -18.27 42.58 3.94
C TRP D 295 -16.88 42.64 4.55
N ASP D 296 -16.11 43.63 4.13
CA ASP D 296 -14.78 43.86 4.68
C ASP D 296 -15.00 45.07 5.55
N VAL D 297 -15.18 44.83 6.84
CA VAL D 297 -15.43 45.88 7.82
C VAL D 297 -14.30 46.89 7.89
N ALA D 298 -13.09 46.45 7.63
CA ALA D 298 -11.93 47.34 7.68
C ALA D 298 -12.03 48.36 6.57
N GLN D 299 -12.36 47.91 5.36
CA GLN D 299 -12.51 48.80 4.21
C GLN D 299 -13.96 49.25 4.09
N MSE D 300 -14.77 48.76 5.02
CA MSE D 300 -16.19 49.07 5.05
C MSE D 300 -16.77 49.00 3.64
O MSE D 300 -17.45 49.91 3.20
CB MSE D 300 -16.40 50.45 5.67
CG MSE D 300 -17.60 50.54 6.59
SE MSE D 300 -17.41 49.48 8.19
CE MSE D 300 -18.93 50.24 9.08
N LYS D 301 -16.48 47.90 2.95
CA LYS D 301 -16.98 47.71 1.59
C LYS D 301 -17.52 46.29 1.36
N CYS D 302 -18.49 46.20 0.46
CA CYS D 302 -19.12 44.93 0.07
C CYS D 302 -18.09 44.18 -0.76
N LEU D 303 -17.79 42.93 -0.39
CA LEU D 303 -16.80 42.15 -1.14
C LEU D 303 -17.43 41.29 -2.20
N TYR D 304 -18.44 40.53 -1.79
CA TYR D 304 -19.15 39.62 -2.67
C TYR D 304 -20.64 39.53 -2.31
N ILE D 305 -21.47 39.29 -3.31
CA ILE D 305 -22.90 39.11 -3.12
C ILE D 305 -23.16 37.67 -3.55
N LEU D 306 -23.54 36.85 -2.58
CA LEU D 306 -23.82 35.45 -2.83
C LEU D 306 -25.28 35.29 -3.18
N SER D 307 -25.55 34.89 -4.42
CA SER D 307 -26.93 34.70 -4.86
C SER D 307 -27.17 33.29 -5.35
N GLY D 308 -28.43 32.90 -5.41
CA GLY D 308 -28.78 31.56 -5.83
C GLY D 308 -29.97 31.04 -5.03
N HIS D 309 -29.90 31.13 -3.71
CA HIS D 309 -31.02 30.68 -2.87
C HIS D 309 -32.29 31.31 -3.41
N THR D 310 -33.38 30.55 -3.40
CA THR D 310 -34.65 30.99 -3.92
C THR D 310 -35.67 31.43 -2.85
N ASP D 311 -35.18 31.70 -1.63
CA ASP D 311 -36.03 32.15 -0.53
C ASP D 311 -35.14 32.84 0.52
N ARG D 312 -35.77 33.39 1.56
CA ARG D 312 -34.99 34.08 2.58
C ARG D 312 -34.00 33.21 3.34
N ILE D 313 -32.87 33.81 3.73
CA ILE D 313 -31.84 33.12 4.50
C ILE D 313 -32.15 33.33 5.97
N TYR D 314 -31.92 32.30 6.76
CA TYR D 314 -32.22 32.33 8.16
C TYR D 314 -30.99 32.21 9.08
N SER D 315 -29.89 31.69 8.54
CA SER D 315 -28.67 31.48 9.31
C SER D 315 -27.45 31.38 8.41
N THR D 316 -26.35 31.99 8.82
CA THR D 316 -25.14 31.90 8.00
C THR D 316 -23.93 31.76 8.92
N ILE D 317 -22.93 31.02 8.48
CA ILE D 317 -21.72 30.90 9.30
C ILE D 317 -20.50 31.25 8.46
N TYR D 318 -19.61 32.06 9.02
CA TYR D 318 -18.37 32.41 8.31
C TYR D 318 -17.32 31.43 8.75
N ASP D 319 -16.89 30.54 7.86
CA ASP D 319 -15.86 29.55 8.20
C ASP D 319 -14.50 30.18 7.92
N HIS D 320 -14.02 31.01 8.84
CA HIS D 320 -12.73 31.69 8.68
C HIS D 320 -11.54 30.72 8.53
N GLU D 321 -11.58 29.62 9.26
CA GLU D 321 -10.49 28.65 9.17
C GLU D 321 -10.33 28.14 7.73
N ARG D 322 -11.44 27.80 7.09
CA ARG D 322 -11.44 27.29 5.72
C ARG D 322 -11.72 28.38 4.67
N LYS D 323 -12.03 29.58 5.15
CA LYS D 323 -12.31 30.71 4.27
C LYS D 323 -13.50 30.37 3.35
N ARG D 324 -14.63 30.05 3.98
CA ARG D 324 -15.88 29.69 3.29
C ARG D 324 -17.11 30.17 4.07
N CYS D 325 -18.25 30.23 3.39
CA CYS D 325 -19.50 30.63 4.03
C CYS D 325 -20.56 29.56 3.84
N ILE D 326 -21.21 29.19 4.95
CA ILE D 326 -22.29 28.22 4.92
C ILE D 326 -23.53 29.10 5.06
N SER D 327 -24.59 28.75 4.34
CA SER D 327 -25.83 29.51 4.44
C SER D 327 -27.01 28.53 4.46
N ALA D 328 -28.02 28.81 5.28
CA ALA D 328 -29.20 27.95 5.35
C ALA D 328 -30.39 28.85 5.05
N SER D 329 -31.22 28.41 4.11
CA SER D 329 -32.38 29.17 3.65
C SER D 329 -33.73 28.50 3.85
N MSE D 330 -34.78 29.28 3.64
CA MSE D 330 -36.17 28.81 3.73
C MSE D 330 -36.45 27.92 2.49
O MSE D 330 -37.40 27.14 2.49
CB MSE D 330 -37.12 30.02 3.77
CG MSE D 330 -38.62 29.66 3.92
SE MSE D 330 -39.77 31.26 4.20
CE MSE D 330 -40.20 30.97 6.08
N ASP D 331 -35.61 28.05 1.46
CA ASP D 331 -35.78 27.23 0.25
C ASP D 331 -35.41 25.79 0.52
N THR D 332 -35.12 25.48 1.80
CA THR D 332 -34.83 24.12 2.18
C THR D 332 -33.38 23.64 1.98
N THR D 333 -32.58 24.43 1.27
CA THR D 333 -31.20 24.05 1.00
C THR D 333 -30.13 24.72 1.89
N ILE D 334 -28.89 24.22 1.79
CA ILE D 334 -27.74 24.75 2.52
C ILE D 334 -26.70 24.95 1.42
N ARG D 335 -26.03 26.10 1.44
CA ARG D 335 -25.03 26.40 0.42
C ARG D 335 -23.65 26.73 0.98
N ILE D 336 -22.62 26.20 0.33
CA ILE D 336 -21.25 26.44 0.75
C ILE D 336 -20.64 27.36 -0.27
N TRP D 337 -20.11 28.49 0.19
CA TRP D 337 -19.49 29.45 -0.70
C TRP D 337 -18.01 29.67 -0.43
N ASP D 338 -17.23 29.73 -1.50
CA ASP D 338 -15.79 29.96 -1.46
C ASP D 338 -15.57 31.48 -1.36
N LEU D 339 -15.00 31.94 -0.25
CA LEU D 339 -14.77 33.38 -0.11
C LEU D 339 -13.44 33.86 -0.70
N GLU D 340 -12.94 33.11 -1.67
CA GLU D 340 -11.69 33.42 -2.34
C GLU D 340 -12.00 33.95 -3.74
N ASN D 341 -13.29 34.09 -4.04
CA ASN D 341 -13.74 34.60 -5.34
C ASN D 341 -15.25 34.62 -5.42
N GLY D 342 -15.88 34.39 -4.26
CA GLY D 342 -17.32 34.43 -4.13
C GLY D 342 -18.18 33.46 -4.91
N GLU D 343 -17.61 32.44 -5.54
CA GLU D 343 -18.46 31.51 -6.28
C GLU D 343 -19.03 30.38 -5.42
N LEU D 344 -20.12 29.80 -5.91
CA LEU D 344 -20.76 28.71 -5.21
C LEU D 344 -19.87 27.48 -5.24
N MSE D 345 -19.90 26.70 -4.15
CA MSE D 345 -19.10 25.46 -4.07
C MSE D 345 -19.99 24.23 -4.08
O MSE D 345 -19.82 23.33 -4.90
CB MSE D 345 -18.24 25.42 -2.80
CG MSE D 345 -16.99 26.28 -2.82
SE MSE D 345 -15.95 26.13 -1.18
CE MSE D 345 -15.62 24.23 -1.19
N TYR D 346 -20.93 24.18 -3.16
CA TYR D 346 -21.80 23.02 -3.12
C TYR D 346 -23.19 23.41 -2.64
N THR D 347 -24.17 22.58 -2.96
CA THR D 347 -25.52 22.80 -2.49
C THR D 347 -25.85 21.52 -1.76
N LEU D 348 -26.16 21.63 -0.47
CA LEU D 348 -26.49 20.47 0.33
C LEU D 348 -28.01 20.41 0.45
N GLN D 349 -28.58 19.25 0.13
CA GLN D 349 -30.03 19.06 0.20
C GLN D 349 -30.26 17.89 1.16
N GLY D 350 -30.77 18.18 2.34
CA GLY D 350 -31.00 17.13 3.30
C GLY D 350 -32.03 17.52 4.31
N HIS D 351 -32.96 18.36 3.89
CA HIS D 351 -34.02 18.82 4.74
C HIS D 351 -35.19 19.08 3.80
N THR D 352 -36.40 18.82 4.28
CA THR D 352 -37.59 19.01 3.46
C THR D 352 -38.40 20.22 3.89
N ALA D 353 -37.87 20.99 4.84
CA ALA D 353 -38.54 22.19 5.34
C ALA D 353 -37.52 23.27 5.61
N LEU D 354 -37.97 24.44 6.04
CA LEU D 354 -37.09 25.58 6.36
C LEU D 354 -35.91 25.17 7.27
N VAL D 355 -34.70 25.43 6.80
CA VAL D 355 -33.50 25.13 7.56
C VAL D 355 -33.09 26.43 8.25
N GLY D 356 -33.32 26.49 9.56
CA GLY D 356 -33.00 27.69 10.31
C GLY D 356 -31.84 27.66 11.28
N LEU D 357 -31.28 26.48 11.54
CA LEU D 357 -30.17 26.37 12.49
C LEU D 357 -28.89 25.78 11.96
N LEU D 358 -27.77 26.44 12.28
CA LEU D 358 -26.44 26.01 11.86
C LEU D 358 -25.43 26.17 12.99
N ARG D 359 -24.48 25.22 13.05
CA ARG D 359 -23.38 25.21 14.02
C ARG D 359 -22.21 24.54 13.34
N LEU D 360 -21.03 25.13 13.45
CA LEU D 360 -19.85 24.55 12.85
C LEU D 360 -18.95 23.98 13.97
N SER D 361 -18.87 22.67 14.07
CA SER D 361 -18.04 22.04 15.09
C SER D 361 -16.68 21.86 14.47
N ASP D 362 -15.70 21.57 15.30
CA ASP D 362 -14.38 21.39 14.76
C ASP D 362 -14.35 20.33 13.68
N LYS D 363 -15.26 19.37 13.79
CA LYS D 363 -15.29 18.26 12.85
C LYS D 363 -16.59 18.18 12.05
N PHE D 364 -17.64 18.87 12.49
CA PHE D 364 -18.91 18.76 11.78
C PHE D 364 -19.62 20.06 11.42
N LEU D 365 -20.50 19.96 10.42
CA LEU D 365 -21.34 21.08 10.02
C LEU D 365 -22.71 20.52 10.35
N VAL D 366 -23.35 21.02 11.40
CA VAL D 366 -24.64 20.51 11.81
C VAL D 366 -25.81 21.41 11.47
N SER D 367 -26.87 20.82 10.93
CA SER D 367 -28.04 21.61 10.57
C SER D 367 -29.34 20.97 11.00
N ALA D 368 -30.32 21.83 11.25
CA ALA D 368 -31.63 21.36 11.66
C ALA D 368 -32.69 22.18 10.95
N ALA D 369 -33.81 21.53 10.63
CA ALA D 369 -34.89 22.21 9.94
C ALA D 369 -36.23 22.09 10.62
N ALA D 370 -37.17 22.89 10.13
CA ALA D 370 -38.51 22.95 10.63
C ALA D 370 -39.24 21.60 10.66
N ASP D 371 -38.75 20.60 9.94
CA ASP D 371 -39.42 19.30 9.96
C ASP D 371 -38.93 18.39 11.10
N GLY D 372 -38.06 18.90 11.96
CA GLY D 372 -37.55 18.10 13.05
C GLY D 372 -36.33 17.27 12.67
N SER D 373 -35.75 17.54 11.51
CA SER D 373 -34.56 16.80 11.09
C SER D 373 -33.27 17.56 11.42
N ILE D 374 -32.23 16.82 11.77
CA ILE D 374 -30.92 17.38 12.12
C ILE D 374 -29.90 16.62 11.26
N ARG D 375 -28.98 17.33 10.65
CA ARG D 375 -27.99 16.64 9.82
C ARG D 375 -26.54 16.97 10.15
N GLY D 376 -25.69 15.96 10.05
CA GLY D 376 -24.29 16.15 10.33
C GLY D 376 -23.50 15.99 9.05
N TRP D 377 -22.67 16.97 8.73
CA TRP D 377 -21.85 16.90 7.52
C TRP D 377 -20.36 17.03 7.89
N ASP D 378 -19.47 16.42 7.09
CA ASP D 378 -18.06 16.57 7.37
C ASP D 378 -17.82 18.07 7.19
N ALA D 379 -17.10 18.67 8.12
CA ALA D 379 -16.84 20.09 8.07
C ALA D 379 -15.91 20.52 6.95
N ASN D 380 -15.31 19.56 6.26
CA ASN D 380 -14.40 19.93 5.18
C ASN D 380 -14.87 19.57 3.77
N ASP D 381 -15.43 18.37 3.61
CA ASP D 381 -15.93 17.92 2.31
C ASP D 381 -17.44 17.69 2.34
N TYR D 382 -18.05 17.96 3.49
CA TYR D 382 -19.51 17.86 3.67
C TYR D 382 -20.21 16.54 3.32
N SER D 383 -19.49 15.43 3.36
CA SER D 383 -20.09 14.11 3.10
C SER D 383 -21.01 13.84 4.28
N ARG D 384 -22.06 13.05 4.07
CA ARG D 384 -22.99 12.78 5.16
C ARG D 384 -22.30 12.02 6.27
N LYS D 385 -22.50 12.49 7.50
CA LYS D 385 -21.90 11.87 8.68
C LYS D 385 -22.92 11.30 9.64
N PHE D 386 -24.04 11.99 9.81
CA PHE D 386 -25.09 11.49 10.69
C PHE D 386 -26.34 12.31 10.45
N SER D 387 -27.48 11.80 10.91
CA SER D 387 -28.74 12.49 10.78
C SER D 387 -29.65 11.93 11.87
N TYR D 388 -30.47 12.80 12.45
CA TYR D 388 -31.40 12.41 13.51
C TYR D 388 -32.71 13.09 13.23
N HIS D 389 -33.77 12.58 13.82
CA HIS D 389 -35.08 13.17 13.61
C HIS D 389 -35.87 13.11 14.91
N HIS D 390 -36.43 14.24 15.32
CA HIS D 390 -37.22 14.29 16.54
C HIS D 390 -38.52 13.50 16.28
N THR D 391 -38.63 12.38 17.00
CA THR D 391 -39.74 11.42 16.91
C THR D 391 -41.16 11.94 16.74
N ASN D 392 -41.45 13.12 17.25
CA ASN D 392 -42.80 13.66 17.13
C ASN D 392 -42.91 14.59 15.93
N LEU D 393 -41.83 14.67 15.16
CA LEU D 393 -41.80 15.48 13.95
C LEU D 393 -42.03 16.99 14.09
N SER D 394 -41.81 17.53 15.29
CA SER D 394 -41.97 18.97 15.51
C SER D 394 -40.67 19.65 15.07
N ALA D 395 -40.75 20.95 14.78
CA ALA D 395 -39.59 21.71 14.33
C ALA D 395 -38.49 21.79 15.39
N ILE D 396 -37.24 21.76 14.96
CA ILE D 396 -36.14 21.85 15.91
C ILE D 396 -36.01 23.33 16.25
N THR D 397 -36.17 23.66 17.51
CA THR D 397 -36.12 25.05 17.94
C THR D 397 -34.71 25.47 18.34
N THR D 398 -33.90 24.51 18.78
CA THR D 398 -32.55 24.79 19.25
C THR D 398 -31.71 23.53 19.34
N PHE D 399 -30.40 23.67 19.17
CA PHE D 399 -29.48 22.55 19.31
C PHE D 399 -28.07 23.09 19.51
N TYR D 400 -27.18 22.26 20.08
CA TYR D 400 -25.78 22.66 20.30
C TYR D 400 -24.83 21.47 20.11
N VAL D 401 -23.66 21.69 19.53
CA VAL D 401 -22.73 20.58 19.33
C VAL D 401 -21.27 20.73 19.68
N SER D 402 -20.63 19.58 19.70
CA SER D 402 -19.22 19.45 19.97
C SER D 402 -18.88 18.21 19.15
N ASP D 403 -17.59 17.91 18.97
CA ASP D 403 -17.25 16.73 18.22
C ASP D 403 -17.69 15.47 18.96
N ASN D 404 -18.08 15.59 20.23
CA ASN D 404 -18.48 14.39 20.97
C ASN D 404 -19.96 14.33 21.31
N ILE D 405 -20.61 15.48 21.36
CA ILE D 405 -22.00 15.50 21.74
C ILE D 405 -22.92 16.43 20.99
N LEU D 406 -24.18 16.00 20.89
CA LEU D 406 -25.22 16.80 20.24
C LEU D 406 -26.41 16.88 21.19
N VAL D 407 -26.88 18.11 21.44
CA VAL D 407 -28.08 18.29 22.23
C VAL D 407 -29.02 19.08 21.32
N SER D 408 -30.26 18.61 21.26
CA SER D 408 -31.27 19.21 20.40
C SER D 408 -32.61 19.34 21.11
N GLY D 409 -33.40 20.31 20.69
CA GLY D 409 -34.69 20.48 21.34
C GLY D 409 -35.81 21.03 20.48
N SER D 410 -36.98 20.46 20.68
CA SER D 410 -38.17 20.86 19.97
C SER D 410 -39.30 20.71 20.99
N GLU D 411 -40.53 20.94 20.54
CA GLU D 411 -41.68 20.83 21.41
C GLU D 411 -41.77 19.45 22.07
N ASN D 412 -41.83 19.47 23.41
CA ASN D 412 -41.93 18.27 24.24
C ASN D 412 -40.76 17.31 24.07
N GLN D 413 -39.63 17.80 23.62
CA GLN D 413 -38.49 16.93 23.47
C GLN D 413 -37.16 17.62 23.72
N PHE D 414 -36.26 16.90 24.38
CA PHE D 414 -34.91 17.35 24.71
C PHE D 414 -34.03 16.08 24.66
N ASN D 415 -33.17 15.99 23.64
CA ASN D 415 -32.32 14.82 23.47
C ASN D 415 -30.83 15.07 23.43
N ILE D 416 -30.08 14.11 23.99
CA ILE D 416 -28.62 14.12 24.06
C ILE D 416 -28.11 12.87 23.34
N TYR D 417 -27.36 13.09 22.28
CA TYR D 417 -26.82 12.02 21.45
C TYR D 417 -25.31 11.89 21.56
N ASN D 418 -24.83 10.64 21.51
CA ASN D 418 -23.41 10.34 21.52
C ASN D 418 -22.98 10.39 20.04
N LEU D 419 -22.28 11.42 19.61
CA LEU D 419 -21.89 11.48 18.22
C LEU D 419 -20.92 10.40 17.76
N ARG D 420 -20.32 9.65 18.68
CA ARG D 420 -19.38 8.59 18.32
C ARG D 420 -20.06 7.25 18.01
N SER D 421 -20.92 6.82 18.91
CA SER D 421 -21.65 5.58 18.73
C SER D 421 -22.87 5.87 17.88
N GLY D 422 -23.25 7.13 17.83
CA GLY D 422 -24.42 7.53 17.06
C GLY D 422 -25.72 7.36 17.81
N LYS D 423 -25.71 6.69 18.94
CA LYS D 423 -26.94 6.47 19.69
C LYS D 423 -27.39 7.59 20.60
N LEU D 424 -28.68 7.57 20.89
CA LEU D 424 -29.35 8.55 21.76
C LEU D 424 -29.06 8.12 23.20
N VAL D 425 -28.44 9.00 23.98
CA VAL D 425 -28.12 8.67 25.36
C VAL D 425 -29.25 8.95 26.32
N HIS D 426 -29.65 10.21 26.38
CA HIS D 426 -30.74 10.61 27.26
C HIS D 426 -31.82 11.28 26.45
N ALA D 427 -33.06 10.94 26.76
CA ALA D 427 -34.19 11.52 26.07
C ALA D 427 -35.22 12.07 27.04
N ASN D 428 -35.07 11.77 28.33
CA ASN D 428 -36.07 12.26 29.29
C ASN D 428 -35.62 13.20 30.43
N ILE D 429 -34.44 13.82 30.27
CA ILE D 429 -33.90 14.72 31.29
C ILE D 429 -34.75 15.96 31.52
N LEU D 430 -35.30 16.51 30.46
CA LEU D 430 -36.14 17.70 30.60
C LEU D 430 -37.54 17.41 30.04
N LYS D 431 -38.06 16.23 30.36
CA LYS D 431 -39.37 15.79 29.90
C LYS D 431 -40.54 16.70 30.30
N ASP D 432 -40.45 17.38 31.44
CA ASP D 432 -41.55 18.24 31.84
C ASP D 432 -41.52 19.60 31.16
N ALA D 433 -40.56 19.81 30.26
CA ALA D 433 -40.49 21.09 29.56
C ALA D 433 -41.45 21.07 28.37
N ASP D 434 -42.08 22.19 28.10
CA ASP D 434 -42.98 22.24 26.97
C ASP D 434 -42.22 22.77 25.76
N GLN D 435 -41.21 23.58 26.00
CA GLN D 435 -40.41 24.15 24.91
C GLN D 435 -38.95 24.36 25.32
N ILE D 436 -38.03 24.05 24.40
CA ILE D 436 -36.61 24.27 24.67
C ILE D 436 -36.21 25.43 23.74
N TRP D 437 -36.25 26.63 24.29
CA TRP D 437 -35.94 27.84 23.54
C TRP D 437 -34.50 27.92 23.08
N SER D 438 -33.59 27.78 24.04
CA SER D 438 -32.18 27.85 23.72
C SER D 438 -31.38 26.87 24.56
N VAL D 439 -30.46 26.17 23.91
CA VAL D 439 -29.62 25.23 24.62
C VAL D 439 -28.12 25.52 24.34
N ASN D 440 -27.29 25.33 25.36
CA ASN D 440 -25.86 25.62 25.24
C ASN D 440 -25.14 24.79 26.29
N PHE D 441 -24.04 24.15 25.91
CA PHE D 441 -23.33 23.35 26.88
C PHE D 441 -21.82 23.48 26.70
N LYS D 442 -21.11 23.29 27.81
CA LYS D 442 -19.66 23.40 27.86
C LYS D 442 -19.09 22.55 29.01
N GLY D 443 -18.22 21.61 28.64
CA GLY D 443 -17.60 20.73 29.61
C GLY D 443 -18.59 19.85 30.33
N LYS D 444 -18.68 20.07 31.64
CA LYS D 444 -19.59 19.32 32.50
C LYS D 444 -20.91 20.06 32.72
N THR D 445 -20.98 21.28 32.20
CA THR D 445 -22.16 22.13 32.34
C THR D 445 -23.01 22.29 31.06
N LEU D 446 -24.32 22.05 31.20
CA LEU D 446 -25.30 22.20 30.12
C LEU D 446 -26.46 23.06 30.59
N VAL D 447 -26.79 24.11 29.84
CA VAL D 447 -27.88 25.00 30.23
C VAL D 447 -28.93 25.18 29.14
N ALA D 448 -30.18 25.35 29.56
CA ALA D 448 -31.27 25.50 28.61
C ALA D 448 -32.37 26.41 29.09
N ALA D 449 -32.74 27.37 28.23
CA ALA D 449 -33.85 28.26 28.54
C ALA D 449 -35.04 27.43 28.06
N VAL D 450 -36.01 27.24 28.94
CA VAL D 450 -37.18 26.41 28.62
C VAL D 450 -38.54 27.03 28.99
N GLU D 451 -39.60 26.29 28.69
CA GLU D 451 -40.95 26.72 29.00
C GLU D 451 -41.81 25.61 29.63
N LYS D 452 -42.30 25.85 30.84
CA LYS D 452 -43.16 24.90 31.54
C LYS D 452 -44.42 25.59 32.04
N ASP D 453 -45.57 25.10 31.60
CA ASP D 453 -46.84 25.65 32.04
C ASP D 453 -46.94 27.16 31.91
N GLY D 454 -46.78 27.67 30.70
CA GLY D 454 -46.88 29.10 30.48
C GLY D 454 -45.82 29.96 31.16
N GLN D 455 -44.68 29.36 31.49
CA GLN D 455 -43.62 30.12 32.12
C GLN D 455 -42.25 29.65 31.66
N SER D 456 -41.32 30.60 31.62
CA SER D 456 -39.96 30.30 31.22
C SER D 456 -39.11 30.03 32.46
N PHE D 457 -38.09 29.20 32.32
CA PHE D 457 -37.19 28.88 33.42
C PHE D 457 -35.82 28.66 32.82
N LEU D 458 -34.78 28.68 33.67
CA LEU D 458 -33.41 28.44 33.21
C LEU D 458 -33.02 27.09 33.82
N GLU D 459 -32.58 26.15 32.98
CA GLU D 459 -32.19 24.82 33.46
C GLU D 459 -30.69 24.63 33.41
N ILE D 460 -30.07 24.26 34.53
CA ILE D 460 -28.63 24.04 34.51
C ILE D 460 -28.30 22.60 34.86
N LEU D 461 -27.71 21.87 33.92
CA LEU D 461 -27.37 20.49 34.16
C LEU D 461 -25.87 20.25 34.36
N ASP D 462 -25.52 19.54 35.41
CA ASP D 462 -24.13 19.28 35.76
C ASP D 462 -23.75 17.80 35.64
N PHE D 463 -22.71 17.50 34.87
CA PHE D 463 -22.26 16.11 34.67
C PHE D 463 -21.04 15.65 35.49
N SER D 464 -20.66 16.43 36.51
CA SER D 464 -19.53 16.10 37.39
C SER D 464 -19.80 14.78 38.10
N LEU E 3 -8.95 -38.36 -19.96
CA LEU E 3 -9.46 -38.64 -18.59
C LEU E 3 -10.61 -37.72 -18.20
N TPO E 4 -11.86 -38.20 -18.31
CA TPO E 4 -12.97 -37.32 -17.92
CB TPO E 4 -13.99 -37.41 -19.08
CG2 TPO E 4 -15.33 -36.73 -18.77
OG1 TPO E 4 -13.41 -36.81 -20.24
P TPO E 4 -13.43 -35.17 -20.49
O1P TPO E 4 -12.69 -34.50 -19.29
O2P TPO E 4 -14.93 -34.64 -20.58
O3P TPO E 4 -12.64 -34.98 -21.88
C TPO E 4 -13.60 -37.84 -16.62
O TPO E 4 -13.65 -39.13 -16.33
N PRO E 5 -14.05 -36.89 -15.79
CA PRO E 5 -14.71 -37.14 -14.50
C PRO E 5 -16.06 -37.81 -14.75
N PRO E 6 -16.49 -38.69 -13.83
CA PRO E 6 -17.77 -39.39 -13.96
C PRO E 6 -18.94 -38.39 -13.97
N LEU F 2 -37.44 29.62 14.63
CA LEU F 2 -38.30 30.68 14.04
C LEU F 2 -39.15 31.40 15.09
N LEU F 3 -38.72 32.61 15.46
CA LEU F 3 -39.41 33.46 16.43
C LEU F 3 -39.11 34.90 16.02
N TPO F 4 -40.14 35.65 15.59
CA TPO F 4 -39.92 37.03 15.19
CB TPO F 4 -40.57 37.12 13.78
CG2 TPO F 4 -40.61 38.54 13.20
OG1 TPO F 4 -39.84 36.25 12.91
P TPO F 4 -38.40 36.71 12.24
O1P TPO F 4 -37.43 37.02 13.41
O2P TPO F 4 -38.59 37.99 11.33
O3P TPO F 4 -37.92 35.43 11.40
C TPO F 4 -40.60 38.01 16.14
O TPO F 4 -41.77 37.73 16.71
N PRO F 5 -39.96 39.16 16.34
CA PRO F 5 -40.43 40.24 17.21
C PRO F 5 -41.72 40.82 16.62
N PRO F 6 -42.58 41.38 17.47
CA PRO F 6 -43.84 41.96 16.96
C PRO F 6 -43.56 43.14 16.03
N GLN F 7 -43.53 42.90 14.71
CA GLN F 7 -43.27 44.00 13.80
C GLN F 7 -44.54 44.81 13.62
N SER F 8 -44.46 46.09 14.00
CA SER F 8 -45.57 47.04 13.92
C SER F 8 -46.36 46.98 12.61
N GLY F 9 -47.60 46.51 12.69
CA GLY F 9 -48.44 46.44 11.51
C GLY F 9 -49.11 45.09 11.28
#